data_8OPT
#
_entry.id   8OPT
#
_cell.length_a   1.00
_cell.length_b   1.00
_cell.length_c   1.00
_cell.angle_alpha   90.00
_cell.angle_beta   90.00
_cell.angle_gamma   90.00
#
_symmetry.space_group_name_H-M   'P 1'
#
loop_
_entity.id
_entity.type
_entity.pdbx_description
1 polymer 'Terminal uridylyltransferase 7'
2 polymer 'RNA (53-MER)'
3 polymer 'Protein lin-28 homolog A'
4 non-polymer 'ZINC ION'
#
loop_
_entity_poly.entity_id
_entity_poly.type
_entity_poly.pdbx_seq_one_letter_code
_entity_poly.pdbx_strand_id
1 'polypeptide(L)'
;MGDTAKPYFVKRTKDRGTMDDDDFRRGHPQQDYLIIDDHAKGHGSKMEKGLQKKKITPGNYGNTPRKGPCAVSSNPYAFK
NPIYSQPAWMNDSHKDQSKRWLSDEHTGNSDNWREFKPGPRIPVINRQRKDSFQENEDGYRWQDTRGCRTVRRLFHKDLT
SLETTSEMEAGSPENKKQRSRPRKPRKTRNEENEQDGDLEGPVIDESVLSTKELLGLQQAEERLKRDCIDRLKRRPRNYP
TAKYTCRLCDVLIESIAFAHKHIKEKRHKKNIKEKQEEELLTTLPPPTPSQINAVGIAIDKVVQEFGLHNENLEQRLEIK
RIMENVFQHKLPDCSLRLYGSSCSRLGFKNSDVNIDIQFPAIMSQPDVLLLVQECLKNSDSFIDVDADFHARVPVVVCRE
KQSGLLCKVSAGNENACLTTKHLTALGKLEPKLVPLVIAFRYWAKLCSIDRPEEGGLPPYVFALMAIFFLQQRKEPLLPV
YLGSWIEGFSLSKLGNFNLQDIEKDVVIWEHTDSAAGDTGITKEEAPRETPIKRGQVSLILDVKHQPSVPVGQLWVELLR
FYALEFNLADLVISIRVKELVSRELKDWPKKRIAIEDPYSVKRNVARTLNSQPVFEYILHCLRTTYKYFALPHKITKSSL
LKPLNAITCISEHSKEVINHHPDVQTKDDKLKNSVLAQGPGATSSAANTCKVQPLTLKETAESFGSPPKEEMGNEHISVH
PENSDCIQADVNSDDYKGDKVYHPETGRKNEKEKVGRKGKHLLTVDQKRGEHVVCGSTRNNESESTLDLEGFQNPTAKEC
EGLATLDNKADLDGESTEGTEELEDSLNHFTHSVQGQTSEMIPSDEEEEDDEEEEEEEEPRLTINQREDEDGMANEDELD
NTYTGSGDEDALSEEDDELGEAAKYEDVKECGKHVERALLVELNKISLKEENVCEEKNSPVDQSDFFYEFSKLIFTKGKS
PTVVCSLCKREGHLKKDCPEDFKRIQLEPLPPLTPKFLNILDQVCIQCYKDFSPTIIEDQAREHIRQNLESFIRQDFPGT
KLSLFGSSKNGFGFKQSDLDVCMTINGLETAEGLDCVRTIEELARVLRKHSGLRNILPITTAKVPIVKFFHLRSGLEVDI
SLYNTLALHNTRLLSAYSAIDPRVKYLCYTMKVFTKMCDIGDASRGSLSSYAYTLMVLYFLQQRNPPVIPVLQEIYKGEK
KPEIFVDGWNIYFFDQIDELPTYWSECGKNTESVGQLWLGLLRFYTEEFDFKEHVISIRRKSLLTTFKKQWTSKYIVIED
PFDLNHNLGAGLSRKMTNFIMKAFINGRRVFGIPVKGFPKDYPSKMEYFFDPDVLTEGELAPNDRCCRICGKIGHFMKDC
PMRRKVRRRRDQEDALNQRYPENKEKRSKEDKEIHNKYTEREVSTKEDKPIQCTPQKAKPMRAAADLGREKILRPPVEKW
KRQDDKDLREKRCFICGREGHIKKECPQFKGSSGSLSSKYMTQGKASAKRTQQES
;
A
2 'polyribonucleotide' UUGUACAGUUUGAGGGUAUAUGAUACAACCCGGUACAGGAGAUAACUGUACAGG D
3 'polypeptide(L)'
;MGSVSNQQFAGGCAKAAEEAPEEAPEDAARAADEPQLLHGAGICKWFNVRMGFGFLSMTARAGVALDPPVDVFVHQSKLH
MEGFRSLKEGEAVEFTFKKSAKGLESIRVTGPGGVFCIGSERRPKGKSMQKRRSKGDRCYNCGGLDHHAKECKLPPQPKK
CHFCQSISHMVASCPLKAQQGPSAQGKPTYFREEEEEIHSPTLLPEAQN
;
B
#
loop_
_chem_comp.id
_chem_comp.type
_chem_comp.name
_chem_comp.formula
A RNA linking ADENOSINE-5'-MONOPHOSPHATE 'C10 H14 N5 O7 P'
C RNA linking CYTIDINE-5'-MONOPHOSPHATE 'C9 H14 N3 O8 P'
G RNA linking GUANOSINE-5'-MONOPHOSPHATE 'C10 H14 N5 O8 P'
U RNA linking URIDINE-5'-MONOPHOSPHATE 'C9 H13 N2 O9 P'
ZN non-polymer 'ZINC ION' 'Zn 2'
#
# COMPACT_ATOMS: atom_id res chain seq x y z
N PRO A 202 21.04 -19.80 -42.30
CA PRO A 202 22.46 -19.43 -42.33
C PRO A 202 22.68 -17.96 -42.67
N VAL A 203 22.93 -17.14 -41.65
CA VAL A 203 23.17 -15.71 -41.88
C VAL A 203 24.40 -15.51 -42.75
N ILE A 204 25.48 -16.22 -42.42
CA ILE A 204 26.72 -16.14 -43.20
C ILE A 204 27.38 -17.52 -43.18
N ASP A 205 28.12 -17.81 -44.25
CA ASP A 205 28.80 -19.09 -44.41
C ASP A 205 30.30 -18.85 -44.52
N GLU A 206 31.08 -19.75 -43.93
CA GLU A 206 32.54 -19.63 -43.94
C GLU A 206 33.15 -20.04 -45.27
N SER A 207 32.38 -20.66 -46.17
CA SER A 207 32.93 -21.09 -47.45
C SER A 207 33.47 -19.92 -48.25
N VAL A 208 32.90 -18.73 -48.08
CA VAL A 208 33.36 -17.56 -48.83
C VAL A 208 34.80 -17.24 -48.47
N LEU A 209 35.13 -17.29 -47.19
CA LEU A 209 36.45 -16.89 -46.73
C LEU A 209 37.52 -17.86 -47.24
N SER A 210 38.69 -17.32 -47.54
CA SER A 210 39.82 -18.14 -47.96
C SER A 210 40.33 -18.97 -46.78
N THR A 211 41.14 -19.98 -47.10
CA THR A 211 41.54 -20.96 -46.09
C THR A 211 42.15 -20.29 -44.88
N LYS A 212 43.18 -19.46 -45.09
CA LYS A 212 43.71 -18.68 -43.99
C LYS A 212 42.63 -17.79 -43.39
N GLU A 213 41.77 -17.22 -44.24
CA GLU A 213 40.74 -16.32 -43.77
C GLU A 213 39.73 -17.03 -42.87
N LEU A 214 39.23 -18.21 -43.30
CA LEU A 214 38.22 -18.88 -42.49
C LEU A 214 38.86 -19.48 -41.25
N LEU A 215 40.14 -19.83 -41.32
CA LEU A 215 40.82 -20.31 -40.12
C LEU A 215 40.94 -19.18 -39.09
N GLY A 216 41.36 -17.99 -39.53
CA GLY A 216 41.40 -16.86 -38.62
C GLY A 216 40.03 -16.50 -38.09
N LEU A 217 39.00 -16.65 -38.92
CA LEU A 217 37.63 -16.42 -38.47
C LEU A 217 37.24 -17.42 -37.39
N GLN A 218 37.67 -18.68 -37.54
CA GLN A 218 37.45 -19.66 -36.49
C GLN A 218 38.13 -19.26 -35.19
N GLN A 219 39.37 -18.78 -35.28
CA GLN A 219 40.05 -18.32 -34.06
C GLN A 219 39.30 -17.16 -33.43
N ALA A 220 38.83 -16.22 -34.23
CA ALA A 220 38.09 -15.08 -33.70
C ALA A 220 36.80 -15.55 -33.02
N GLU A 221 36.10 -16.49 -33.63
CA GLU A 221 34.89 -17.04 -33.01
C GLU A 221 35.22 -17.71 -31.69
N GLU A 222 36.32 -18.45 -31.64
CA GLU A 222 36.70 -19.11 -30.39
C GLU A 222 36.96 -18.06 -29.31
N ARG A 223 37.70 -17.01 -29.65
CA ARG A 223 37.99 -15.96 -28.67
C ARG A 223 36.70 -15.30 -28.20
N LEU A 224 35.78 -14.99 -29.12
CA LEU A 224 34.51 -14.39 -28.73
C LEU A 224 33.72 -15.33 -27.83
N LYS A 225 33.76 -16.63 -28.13
CA LYS A 225 33.05 -17.60 -27.30
C LYS A 225 33.62 -17.64 -25.89
N ARG A 226 34.94 -17.57 -25.76
CA ARG A 226 35.52 -17.57 -24.42
C ARG A 226 35.07 -16.35 -23.61
N ASP A 227 34.59 -15.31 -24.29
CA ASP A 227 34.06 -14.13 -23.62
C ASP A 227 32.55 -14.13 -23.53
N CYS A 228 31.91 -15.28 -23.82
CA CYS A 228 30.46 -15.42 -23.73
C CYS A 228 29.73 -14.62 -24.81
N ILE A 229 30.26 -14.67 -26.04
CA ILE A 229 29.59 -14.10 -27.21
C ILE A 229 29.48 -15.21 -28.25
N ASP A 230 28.28 -15.37 -28.82
CA ASP A 230 28.00 -16.45 -29.75
C ASP A 230 27.33 -15.89 -31.00
N ARG A 231 27.05 -16.78 -31.94
CA ARG A 231 26.48 -16.40 -33.23
C ARG A 231 24.97 -16.26 -33.13
N LEU A 232 24.33 -16.06 -34.28
CA LEU A 232 22.88 -15.93 -34.38
C LEU A 232 22.37 -16.93 -35.39
N LYS A 233 21.42 -17.77 -34.97
CA LYS A 233 20.78 -18.69 -35.90
C LYS A 233 19.85 -17.95 -36.84
N ARG A 234 19.12 -16.96 -36.34
CA ARG A 234 18.23 -16.14 -37.14
C ARG A 234 18.37 -14.69 -36.70
N ARG A 235 17.81 -13.78 -37.50
CA ARG A 235 17.89 -12.36 -37.23
C ARG A 235 16.50 -11.75 -37.25
N PRO A 236 16.29 -10.67 -36.51
CA PRO A 236 14.99 -9.99 -36.52
C PRO A 236 14.86 -9.06 -37.72
N ARG A 237 13.60 -8.72 -38.03
CA ARG A 237 13.34 -7.78 -39.12
C ARG A 237 13.89 -6.40 -38.81
N ASN A 238 13.90 -6.01 -37.53
CA ASN A 238 14.39 -4.69 -37.16
C ASN A 238 15.88 -4.54 -37.40
N TYR A 239 16.65 -5.62 -37.22
CA TYR A 239 18.11 -5.59 -37.34
C TYR A 239 18.55 -6.68 -38.30
N PRO A 240 18.34 -6.48 -39.61
CA PRO A 240 18.80 -7.48 -40.59
C PRO A 240 20.31 -7.66 -40.61
N THR A 241 21.07 -6.68 -40.13
CA THR A 241 22.52 -6.75 -40.11
C THR A 241 23.09 -7.44 -38.88
N ALA A 242 22.22 -7.86 -37.95
CA ALA A 242 22.69 -8.53 -36.75
C ALA A 242 23.39 -9.84 -37.10
N LYS A 243 24.56 -10.07 -36.49
CA LYS A 243 25.31 -11.29 -36.72
C LYS A 243 25.86 -11.93 -35.46
N TYR A 244 25.61 -11.38 -34.28
CA TYR A 244 26.17 -11.92 -33.05
C TYR A 244 25.22 -11.62 -31.90
N THR A 245 25.42 -12.30 -30.78
CA THR A 245 24.65 -12.01 -29.59
C THR A 245 25.47 -12.36 -28.35
N CYS A 246 25.09 -11.72 -27.24
CA CYS A 246 25.72 -11.92 -25.95
C CYS A 246 24.66 -12.47 -24.99
N ARG A 247 24.95 -13.63 -24.40
CA ARG A 247 23.98 -14.28 -23.51
C ARG A 247 23.92 -13.57 -22.16
N LEU A 248 25.06 -13.13 -21.64
CA LEU A 248 25.08 -12.54 -20.30
C LEU A 248 24.17 -11.32 -20.23
N CYS A 249 24.25 -10.45 -21.24
CA CYS A 249 23.36 -9.29 -21.34
C CYS A 249 22.18 -9.54 -22.26
N ASP A 250 22.14 -10.67 -22.96
CA ASP A 250 21.08 -10.94 -23.93
C ASP A 250 20.95 -9.79 -24.92
N VAL A 251 22.09 -9.43 -25.53
CA VAL A 251 22.20 -8.22 -26.34
C VAL A 251 22.58 -8.62 -27.76
N LEU A 252 21.85 -8.09 -28.73
CA LEU A 252 22.19 -8.31 -30.14
C LEU A 252 23.41 -7.49 -30.51
N ILE A 253 24.15 -7.97 -31.51
CA ILE A 253 25.38 -7.36 -31.97
C ILE A 253 25.45 -7.46 -33.48
N GLU A 254 25.93 -6.39 -34.12
CA GLU A 254 25.89 -6.30 -35.58
C GLU A 254 27.03 -7.08 -36.22
N SER A 255 28.27 -6.69 -35.93
CA SER A 255 29.44 -7.24 -36.59
C SER A 255 30.50 -7.60 -35.56
N ILE A 256 31.62 -8.13 -36.04
CA ILE A 256 32.72 -8.52 -35.15
C ILE A 256 33.29 -7.31 -34.45
N ALA A 257 33.43 -6.19 -35.16
CA ALA A 257 33.94 -4.97 -34.54
C ALA A 257 33.01 -4.50 -33.44
N PHE A 258 31.70 -4.54 -33.69
CA PHE A 258 30.74 -4.16 -32.65
C PHE A 258 30.84 -5.09 -31.46
N ALA A 259 31.02 -6.40 -31.71
CA ALA A 259 31.17 -7.35 -30.62
C ALA A 259 32.39 -7.00 -29.77
N HIS A 260 33.53 -6.75 -30.42
CA HIS A 260 34.73 -6.40 -29.67
C HIS A 260 34.55 -5.09 -28.93
N LYS A 261 33.73 -4.18 -29.46
CA LYS A 261 33.41 -2.95 -28.74
C LYS A 261 32.59 -3.25 -27.49
N HIS A 262 31.66 -4.19 -27.57
CA HIS A 262 30.78 -4.47 -26.44
C HIS A 262 31.57 -5.00 -25.24
N ILE A 263 32.52 -5.90 -25.48
CA ILE A 263 33.27 -6.50 -24.37
C ILE A 263 34.00 -5.42 -23.59
N LYS A 264 34.49 -4.38 -24.28
CA LYS A 264 35.22 -3.33 -23.61
C LYS A 264 34.36 -2.60 -22.59
N GLU A 265 33.05 -2.56 -22.80
CA GLU A 265 32.17 -1.82 -21.91
C GLU A 265 32.21 -2.41 -20.50
N LYS A 266 31.61 -1.67 -19.56
CA LYS A 266 31.55 -2.13 -18.18
C LYS A 266 30.49 -3.20 -17.97
N ARG A 267 29.44 -3.21 -18.80
CA ARG A 267 28.34 -4.15 -18.60
C ARG A 267 28.85 -5.59 -18.64
N HIS A 268 29.54 -5.95 -19.72
CA HIS A 268 29.99 -7.34 -19.88
C HIS A 268 31.07 -7.68 -18.86
N LYS A 269 31.93 -6.72 -18.53
CA LYS A 269 32.96 -6.97 -17.53
C LYS A 269 32.33 -7.33 -16.19
N LYS A 270 31.36 -6.54 -15.74
CA LYS A 270 30.74 -6.82 -14.45
C LYS A 270 29.91 -8.09 -14.51
N ASN A 271 29.25 -8.35 -15.64
CA ASN A 271 28.51 -9.60 -15.78
C ASN A 271 29.44 -10.81 -15.65
N ILE A 272 30.60 -10.76 -16.30
CA ILE A 272 31.54 -11.87 -16.21
C ILE A 272 32.10 -11.99 -14.80
N LYS A 273 32.34 -10.85 -14.13
CA LYS A 273 32.79 -10.90 -12.74
C LYS A 273 31.74 -11.57 -11.85
N GLU A 274 30.47 -11.23 -12.04
CA GLU A 274 29.41 -11.87 -11.28
C GLU A 274 29.34 -13.36 -11.58
N LYS A 275 29.51 -13.72 -12.85
CA LYS A 275 29.52 -15.14 -13.20
C LYS A 275 30.66 -15.87 -12.51
N GLN A 276 31.84 -15.25 -12.47
CA GLN A 276 32.97 -15.88 -11.78
C GLN A 276 32.69 -16.05 -10.29
N GLU A 277 32.08 -15.03 -9.67
CA GLU A 277 31.75 -15.16 -8.24
C GLU A 277 30.74 -16.27 -8.02
N GLU A 278 29.72 -16.37 -8.88
CA GLU A 278 28.73 -17.43 -8.74
C GLU A 278 29.37 -18.80 -8.93
N GLU A 279 30.28 -18.93 -9.90
CA GLU A 279 30.97 -20.20 -10.09
C GLU A 279 31.81 -20.56 -8.88
N LEU A 280 32.50 -19.58 -8.29
CA LEU A 280 33.27 -19.86 -7.08
C LEU A 280 32.36 -20.34 -5.96
N LEU A 281 31.20 -19.70 -5.80
CA LEU A 281 30.27 -20.12 -4.75
C LEU A 281 29.76 -21.53 -5.00
N THR A 282 29.36 -21.83 -6.23
CA THR A 282 28.77 -23.14 -6.53
C THR A 282 29.80 -24.26 -6.47
N THR A 283 31.07 -23.95 -6.74
CA THR A 283 32.11 -24.98 -6.73
C THR A 283 32.34 -25.56 -5.34
N LEU A 284 31.96 -24.83 -4.29
CA LEU A 284 32.27 -25.28 -2.94
C LEU A 284 31.54 -26.59 -2.64
N PRO A 285 32.19 -27.55 -1.99
CA PRO A 285 31.53 -28.83 -1.68
C PRO A 285 30.78 -28.74 -0.37
N PRO A 286 30.11 -29.81 0.04
CA PRO A 286 29.39 -29.78 1.31
C PRO A 286 30.35 -29.57 2.47
N PRO A 287 29.89 -28.95 3.55
CA PRO A 287 30.79 -28.65 4.66
C PRO A 287 31.30 -29.91 5.35
N THR A 288 32.49 -29.80 5.93
CA THR A 288 33.08 -30.88 6.69
C THR A 288 32.42 -31.01 8.06
N PRO A 289 32.49 -32.18 8.69
CA PRO A 289 31.80 -32.36 9.98
C PRO A 289 32.19 -31.35 11.05
N SER A 290 33.47 -31.00 11.14
CA SER A 290 33.89 -30.05 12.17
C SER A 290 33.27 -28.67 11.92
N GLN A 291 33.25 -28.22 10.67
CA GLN A 291 32.65 -26.92 10.36
C GLN A 291 31.16 -26.92 10.68
N ILE A 292 30.46 -28.01 10.35
CA ILE A 292 29.03 -28.04 10.60
C ILE A 292 28.76 -28.11 12.10
N ASN A 293 29.62 -28.79 12.85
CA ASN A 293 29.49 -28.79 14.31
C ASN A 293 29.69 -27.39 14.86
N ALA A 294 30.67 -26.65 14.34
CA ALA A 294 30.88 -25.28 14.77
C ALA A 294 29.66 -24.41 14.45
N VAL A 295 29.08 -24.59 13.27
CA VAL A 295 27.89 -23.81 12.91
C VAL A 295 26.74 -24.15 13.85
N GLY A 296 26.56 -25.43 14.15
CA GLY A 296 25.51 -25.82 15.10
C GLY A 296 25.72 -25.22 16.46
N ILE A 297 26.97 -25.19 16.94
CA ILE A 297 27.24 -24.58 18.24
C ILE A 297 26.95 -23.08 18.20
N ALA A 298 27.28 -22.42 17.08
CA ALA A 298 26.97 -21.00 16.96
C ALA A 298 25.46 -20.76 16.99
N ILE A 299 24.70 -21.61 16.30
CA ILE A 299 23.25 -21.48 16.32
C ILE A 299 22.72 -21.68 17.74
N ASP A 300 23.25 -22.68 18.44
CA ASP A 300 22.82 -22.93 19.81
C ASP A 300 23.11 -21.72 20.70
N LYS A 301 24.29 -21.13 20.55
CA LYS A 301 24.64 -19.95 21.35
C LYS A 301 23.69 -18.79 21.03
N VAL A 302 23.39 -18.58 19.75
CA VAL A 302 22.51 -17.48 19.38
C VAL A 302 21.12 -17.69 19.97
N VAL A 303 20.58 -18.91 19.87
CA VAL A 303 19.25 -19.15 20.40
C VAL A 303 19.23 -19.01 21.91
N GLN A 304 20.29 -19.47 22.58
CA GLN A 304 20.34 -19.34 24.03
C GLN A 304 20.38 -17.87 24.44
N GLU A 305 21.16 -17.06 23.73
CA GLU A 305 21.31 -15.66 24.11
C GLU A 305 20.06 -14.85 23.80
N PHE A 306 19.51 -15.01 22.60
CA PHE A 306 18.38 -14.19 22.16
C PHE A 306 17.08 -14.97 21.98
N GLY A 307 17.10 -16.30 22.07
CA GLY A 307 15.88 -17.06 21.90
C GLY A 307 15.02 -17.07 23.15
N LEU A 308 13.76 -17.43 22.96
CA LEU A 308 12.83 -17.51 24.07
C LEU A 308 13.09 -18.76 24.91
N HIS A 309 12.65 -18.70 26.16
CA HIS A 309 12.83 -19.78 27.11
C HIS A 309 11.50 -20.09 27.78
N ASN A 310 11.45 -21.23 28.48
CA ASN A 310 10.22 -21.64 29.14
C ASN A 310 9.78 -20.62 30.19
N GLU A 311 10.74 -20.02 30.90
CA GLU A 311 10.40 -19.00 31.88
C GLU A 311 9.72 -17.81 31.22
N ASN A 312 10.20 -17.40 30.04
CA ASN A 312 9.56 -16.31 29.32
C ASN A 312 8.13 -16.67 28.95
N LEU A 313 7.90 -17.90 28.50
CA LEU A 313 6.55 -18.31 28.15
C LEU A 313 5.64 -18.30 29.38
N GLU A 314 6.14 -18.78 30.52
CA GLU A 314 5.33 -18.75 31.74
C GLU A 314 5.03 -17.32 32.15
N GLN A 315 6.00 -16.42 32.01
CA GLN A 315 5.78 -15.02 32.38
C GLN A 315 4.73 -14.38 31.47
N ARG A 316 4.78 -14.69 30.18
CA ARG A 316 3.78 -14.15 29.26
C ARG A 316 2.40 -14.72 29.55
N LEU A 317 2.32 -16.00 29.91
CA LEU A 317 1.05 -16.56 30.33
C LEU A 317 0.52 -15.87 31.57
N GLU A 318 1.42 -15.54 32.51
CA GLU A 318 1.01 -14.79 33.69
C GLU A 318 0.48 -13.42 33.32
N ILE A 319 1.14 -12.74 32.38
CA ILE A 319 0.65 -11.46 31.89
C ILE A 319 -0.76 -11.61 31.35
N LYS A 320 -0.98 -12.64 30.53
CA LYS A 320 -2.31 -12.84 29.94
C LYS A 320 -3.35 -13.12 31.02
N ARG A 321 -3.00 -13.92 32.02
CA ARG A 321 -3.94 -14.20 33.10
C ARG A 321 -4.28 -12.95 33.90
N ILE A 322 -3.27 -12.11 34.16
CA ILE A 322 -3.53 -10.86 34.88
C ILE A 322 -4.45 -9.97 34.06
N MET A 323 -4.21 -9.89 32.74
CA MET A 323 -5.09 -9.10 31.90
C MET A 323 -6.51 -9.64 31.93
N GLU A 324 -6.66 -10.97 31.92
CA GLU A 324 -7.98 -11.58 32.01
C GLU A 324 -8.67 -11.19 33.31
N ASN A 325 -7.94 -11.26 34.42
CA ASN A 325 -8.53 -10.93 35.72
C ASN A 325 -8.94 -9.46 35.76
N VAL A 326 -8.10 -8.57 35.23
CA VAL A 326 -8.44 -7.15 35.21
C VAL A 326 -9.67 -6.90 34.35
N PHE A 327 -9.81 -7.66 33.26
CA PHE A 327 -10.84 -7.42 32.27
C PHE A 327 -12.15 -8.14 32.59
N GLN A 328 -12.20 -8.93 33.67
CA GLN A 328 -13.39 -9.71 33.95
C GLN A 328 -14.59 -8.81 34.24
N HIS A 329 -14.38 -7.74 35.00
CA HIS A 329 -15.49 -6.90 35.42
C HIS A 329 -16.10 -6.12 34.26
N LYS A 330 -15.32 -5.87 33.21
CA LYS A 330 -15.80 -5.13 32.05
C LYS A 330 -16.08 -6.03 30.85
N LEU A 331 -15.29 -7.08 30.66
CA LEU A 331 -15.46 -8.02 29.55
C LEU A 331 -15.43 -9.45 30.08
N PRO A 332 -16.40 -9.83 30.91
CA PRO A 332 -16.39 -11.19 31.48
C PRO A 332 -16.44 -12.29 30.44
N ASP A 333 -17.20 -12.10 29.36
CA ASP A 333 -17.35 -13.15 28.36
C ASP A 333 -16.15 -13.28 27.43
N CYS A 334 -15.35 -12.23 27.31
CA CYS A 334 -14.20 -12.26 26.40
C CYS A 334 -13.17 -13.28 26.88
N SER A 335 -12.38 -13.81 25.94
CA SER A 335 -11.33 -14.77 26.25
C SER A 335 -10.05 -14.35 25.54
N LEU A 336 -8.95 -14.27 26.30
CA LEU A 336 -7.67 -13.84 25.78
C LEU A 336 -6.76 -15.02 25.51
N ARG A 337 -5.93 -14.89 24.47
CA ARG A 337 -4.94 -15.91 24.13
C ARG A 337 -3.70 -15.23 23.58
N LEU A 338 -2.58 -15.93 23.69
CA LEU A 338 -1.29 -15.45 23.18
C LEU A 338 -1.03 -16.05 21.81
N TYR A 339 -0.55 -15.21 20.89
CA TYR A 339 -0.23 -15.64 19.55
C TYR A 339 1.06 -14.95 19.10
N GLY A 340 1.48 -15.22 17.87
CA GLY A 340 2.69 -14.61 17.37
C GLY A 340 3.93 -15.17 18.05
N SER A 341 4.92 -14.29 18.21
CA SER A 341 6.19 -14.72 18.80
C SER A 341 6.02 -15.22 20.22
N SER A 342 5.06 -14.67 20.96
CA SER A 342 4.90 -15.05 22.36
C SER A 342 4.55 -16.53 22.50
N CYS A 343 3.65 -17.03 21.67
CA CYS A 343 3.21 -18.42 21.74
C CYS A 343 3.99 -19.34 20.83
N SER A 344 4.57 -18.81 19.75
CA SER A 344 5.27 -19.65 18.79
C SER A 344 6.63 -20.12 19.28
N ARG A 345 7.23 -19.42 20.24
CA ARG A 345 8.55 -19.70 20.80
C ARG A 345 9.66 -19.38 19.79
N LEU A 346 9.33 -19.00 18.57
CA LEU A 346 10.33 -18.77 17.53
C LEU A 346 10.91 -17.35 17.55
N GLY A 347 10.35 -16.46 18.36
CA GLY A 347 10.82 -15.09 18.41
C GLY A 347 11.89 -14.89 19.47
N PHE A 348 12.16 -13.61 19.76
CA PHE A 348 13.16 -13.23 20.74
C PHE A 348 12.48 -12.76 22.02
N LYS A 349 13.23 -12.78 23.12
CA LYS A 349 12.70 -12.31 24.39
C LYS A 349 12.32 -10.83 24.33
N ASN A 350 13.01 -10.06 23.49
CA ASN A 350 12.67 -8.66 23.32
C ASN A 350 11.29 -8.51 22.67
N SER A 351 10.95 -9.43 21.76
CA SER A 351 9.73 -9.32 20.99
C SER A 351 8.53 -9.07 21.91
N ASP A 352 7.59 -8.28 21.43
CA ASP A 352 6.47 -7.83 22.22
C ASP A 352 5.55 -9.00 22.57
N VAL A 353 4.52 -8.70 23.35
CA VAL A 353 3.50 -9.66 23.75
C VAL A 353 2.23 -9.32 22.99
N ASN A 354 1.79 -10.24 22.13
CA ASN A 354 0.61 -10.04 21.31
C ASN A 354 -0.52 -10.91 21.85
N ILE A 355 -1.62 -10.28 22.24
CA ILE A 355 -2.74 -10.96 22.89
C ILE A 355 -3.99 -10.68 22.08
N ASP A 356 -4.64 -11.74 21.61
CA ASP A 356 -5.91 -11.63 20.91
C ASP A 356 -7.05 -11.99 21.85
N ILE A 357 -8.06 -11.12 21.88
CA ILE A 357 -9.23 -11.28 22.73
C ILE A 357 -10.42 -11.59 21.84
N GLN A 358 -10.98 -12.78 21.99
CA GLN A 358 -12.18 -13.17 21.27
C GLN A 358 -13.41 -12.81 22.09
N PHE A 359 -14.45 -12.37 21.38
CA PHE A 359 -15.68 -11.85 21.96
C PHE A 359 -16.86 -12.49 21.25
N PRO A 360 -18.05 -12.44 21.85
CA PRO A 360 -19.24 -12.93 21.16
C PRO A 360 -19.45 -12.17 19.85
N ALA A 361 -20.00 -12.89 18.86
CA ALA A 361 -20.15 -12.32 17.52
C ALA A 361 -20.92 -11.01 17.55
N ILE A 362 -21.84 -10.85 18.51
CA ILE A 362 -22.64 -9.63 18.56
C ILE A 362 -21.75 -8.41 18.79
N MET A 363 -20.78 -8.53 19.69
CA MET A 363 -19.90 -7.41 19.98
C MET A 363 -19.05 -7.06 18.76
N SER A 364 -18.74 -5.77 18.62
CA SER A 364 -17.97 -5.27 17.50
C SER A 364 -16.53 -5.03 17.91
N GLN A 365 -15.61 -5.24 16.96
CA GLN A 365 -14.18 -5.11 17.26
C GLN A 365 -13.81 -3.74 17.78
N PRO A 366 -14.21 -2.62 17.14
CA PRO A 366 -13.83 -1.31 17.68
C PRO A 366 -14.33 -1.08 19.10
N ASP A 367 -15.56 -1.51 19.40
CA ASP A 367 -16.10 -1.29 20.74
C ASP A 367 -15.32 -2.07 21.78
N VAL A 368 -15.04 -3.34 21.51
CA VAL A 368 -14.31 -4.15 22.48
C VAL A 368 -12.91 -3.60 22.67
N LEU A 369 -12.26 -3.17 21.59
CA LEU A 369 -10.90 -2.65 21.73
C LEU A 369 -10.89 -1.35 22.51
N LEU A 370 -11.86 -0.46 22.26
CA LEU A 370 -11.92 0.79 23.02
C LEU A 370 -12.21 0.52 24.49
N LEU A 371 -13.10 -0.42 24.78
CA LEU A 371 -13.34 -0.80 26.17
C LEU A 371 -12.09 -1.37 26.81
N VAL A 372 -11.33 -2.17 26.06
CA VAL A 372 -10.07 -2.71 26.57
C VAL A 372 -9.13 -1.57 26.91
N GLN A 373 -9.03 -0.57 26.04
CA GLN A 373 -8.19 0.58 26.31
C GLN A 373 -8.65 1.30 27.58
N GLU A 374 -9.96 1.43 27.75
CA GLU A 374 -10.48 2.10 28.94
C GLU A 374 -10.09 1.35 30.20
N CYS A 375 -10.29 0.03 30.22
CA CYS A 375 -9.92 -0.74 31.40
C CYS A 375 -8.43 -0.69 31.65
N LEU A 376 -7.62 -0.72 30.59
CA LEU A 376 -6.17 -0.60 30.77
C LEU A 376 -5.80 0.73 31.38
N LYS A 377 -6.45 1.81 30.93
CA LYS A 377 -6.20 3.12 31.53
C LYS A 377 -6.59 3.14 33.00
N ASN A 378 -7.74 2.56 33.33
CA ASN A 378 -8.20 2.59 34.72
C ASN A 378 -7.24 1.86 35.64
N SER A 379 -6.75 0.69 35.22
CA SER A 379 -5.89 -0.10 36.08
C SER A 379 -4.49 0.51 36.18
N ASP A 380 -3.81 0.20 37.28
CA ASP A 380 -2.45 0.67 37.52
C ASP A 380 -1.38 -0.35 37.14
N SER A 381 -1.77 -1.61 36.93
CA SER A 381 -0.78 -2.62 36.56
C SER A 381 -0.15 -2.32 35.21
N PHE A 382 -0.85 -1.59 34.36
CA PHE A 382 -0.36 -1.24 33.02
C PHE A 382 -0.07 0.26 32.98
N ILE A 383 1.17 0.61 32.66
CA ILE A 383 1.59 2.00 32.54
C ILE A 383 1.90 2.28 31.07
N ASP A 384 1.79 3.54 30.69
CA ASP A 384 1.98 3.97 29.31
C ASP A 384 0.99 3.24 28.41
N VAL A 385 -0.29 3.54 28.62
CA VAL A 385 -1.36 2.98 27.80
C VAL A 385 -1.57 3.88 26.59
N ASP A 386 -1.53 3.30 25.41
CA ASP A 386 -1.67 4.05 24.17
C ASP A 386 -2.39 3.19 23.15
N ALA A 387 -2.89 3.84 22.11
CA ALA A 387 -3.63 3.16 21.05
C ALA A 387 -2.97 3.42 19.71
N ASP A 388 -2.74 2.35 18.93
CA ASP A 388 -2.32 2.45 17.55
C ASP A 388 -3.39 1.69 16.75
N PHE A 389 -4.45 2.40 16.40
CA PHE A 389 -5.60 1.82 15.73
C PHE A 389 -5.54 1.93 14.22
N HIS A 390 -4.46 2.46 13.66
CA HIS A 390 -4.34 2.66 12.22
C HIS A 390 -3.17 1.86 11.64
N ALA A 391 -2.69 0.85 12.35
CA ALA A 391 -1.65 -0.03 11.82
C ALA A 391 -2.30 -1.06 10.91
N ARG A 392 -1.54 -2.09 10.53
CA ARG A 392 -2.10 -3.16 9.71
C ARG A 392 -3.28 -3.81 10.43
N VAL A 393 -3.15 -4.03 11.73
CA VAL A 393 -4.25 -4.52 12.57
C VAL A 393 -4.34 -3.59 13.76
N PRO A 394 -5.54 -3.18 14.19
CA PRO A 394 -5.62 -2.28 15.34
C PRO A 394 -5.02 -2.91 16.59
N VAL A 395 -4.32 -2.10 17.38
CA VAL A 395 -3.66 -2.58 18.59
C VAL A 395 -3.76 -1.53 19.68
N VAL A 396 -3.79 -2.01 20.92
CA VAL A 396 -3.62 -1.18 22.10
C VAL A 396 -2.28 -1.57 22.72
N VAL A 397 -1.36 -0.63 22.80
CA VAL A 397 -0.02 -0.87 23.28
C VAL A 397 0.06 -0.46 24.74
N CYS A 398 0.55 -1.36 25.60
CA CYS A 398 0.72 -1.07 27.01
C CYS A 398 2.03 -1.66 27.48
N ARG A 399 2.42 -1.27 28.69
CA ARG A 399 3.69 -1.72 29.28
C ARG A 399 3.43 -2.01 30.76
N GLU A 400 3.25 -3.27 31.09
CA GLU A 400 3.00 -3.65 32.49
C GLU A 400 4.15 -3.16 33.37
N LYS A 401 3.80 -2.61 34.53
CA LYS A 401 4.80 -2.02 35.41
C LYS A 401 5.83 -3.04 35.84
N GLN A 402 5.38 -4.18 36.38
CA GLN A 402 6.32 -5.16 36.91
C GLN A 402 7.07 -5.87 35.79
N SER A 403 6.37 -6.25 34.72
CA SER A 403 7.01 -7.02 33.66
C SER A 403 7.92 -6.14 32.80
N GLY A 404 7.45 -4.95 32.43
CA GLY A 404 8.20 -4.09 31.55
C GLY A 404 8.19 -4.53 30.10
N LEU A 405 7.40 -5.54 29.75
CA LEU A 405 7.36 -6.08 28.39
C LEU A 405 6.20 -5.43 27.65
N LEU A 406 6.49 -4.83 26.50
CA LEU A 406 5.44 -4.24 25.69
C LEU A 406 4.42 -5.31 25.31
N CYS A 407 3.14 -4.99 25.51
CA CYS A 407 2.05 -5.91 25.18
C CYS A 407 1.09 -5.20 24.24
N LYS A 408 0.79 -5.86 23.12
CA LYS A 408 -0.14 -5.35 22.12
C LYS A 408 -1.40 -6.19 22.19
N VAL A 409 -2.51 -5.56 22.56
CA VAL A 409 -3.80 -6.23 22.68
C VAL A 409 -4.62 -5.92 21.44
N SER A 410 -5.16 -6.96 20.81
CA SER A 410 -6.01 -6.83 19.65
C SER A 410 -7.13 -7.84 19.75
N ALA A 411 -7.98 -7.89 18.72
CA ALA A 411 -9.10 -8.81 18.71
C ALA A 411 -9.47 -9.15 17.28
N GLY A 412 -10.09 -10.31 17.11
CA GLY A 412 -10.54 -10.74 15.79
C GLY A 412 -9.41 -10.84 14.80
N ASN A 413 -8.30 -11.44 15.22
CA ASN A 413 -7.12 -11.62 14.36
C ASN A 413 -7.21 -13.01 13.74
N GLU A 414 -7.88 -13.11 12.61
CA GLU A 414 -7.97 -14.37 11.88
C GLU A 414 -6.72 -14.59 11.05
N ASN A 415 -6.42 -15.85 10.79
CA ASN A 415 -5.24 -16.29 10.02
C ASN A 415 -3.95 -16.12 10.80
N ALA A 416 -3.99 -15.57 12.01
CA ALA A 416 -2.80 -15.39 12.83
C ALA A 416 -2.71 -16.41 13.95
N CYS A 417 -3.81 -16.63 14.69
CA CYS A 417 -3.82 -17.67 15.71
C CYS A 417 -3.57 -19.03 15.09
N LEU A 418 -4.23 -19.33 13.98
CA LEU A 418 -4.04 -20.62 13.33
C LEU A 418 -2.61 -20.77 12.82
N THR A 419 -2.05 -19.70 12.24
CA THR A 419 -0.68 -19.76 11.73
C THR A 419 0.31 -20.01 12.86
N THR A 420 0.16 -19.29 13.97
CA THR A 420 1.10 -19.46 15.07
C THR A 420 0.93 -20.82 15.73
N LYS A 421 -0.30 -21.34 15.79
CA LYS A 421 -0.48 -22.68 16.34
C LYS A 421 0.13 -23.74 15.41
N HIS A 422 0.02 -23.53 14.11
CA HIS A 422 0.66 -24.44 13.15
C HIS A 422 2.18 -24.44 13.34
N LEU A 423 2.77 -23.24 13.46
CA LEU A 423 4.20 -23.15 13.68
C LEU A 423 4.59 -23.77 15.02
N THR A 424 3.76 -23.58 16.05
CA THR A 424 4.03 -24.19 17.34
C THR A 424 4.01 -25.71 17.26
N ALA A 425 3.04 -26.26 16.52
CA ALA A 425 2.99 -27.71 16.35
C ALA A 425 4.22 -28.21 15.59
N LEU A 426 4.62 -27.50 14.54
CA LEU A 426 5.83 -27.90 13.82
C LEU A 426 7.05 -27.88 14.73
N GLY A 427 7.18 -26.85 15.56
CA GLY A 427 8.30 -26.78 16.47
C GLY A 427 8.29 -27.88 17.51
N LYS A 428 7.13 -28.15 18.09
CA LYS A 428 7.03 -29.19 19.11
C LYS A 428 7.35 -30.56 18.52
N LEU A 429 6.80 -30.87 17.34
CA LEU A 429 7.01 -32.18 16.76
C LEU A 429 8.41 -32.32 16.17
N GLU A 430 8.92 -31.25 15.57
CA GLU A 430 10.25 -31.25 14.95
C GLU A 430 11.15 -30.26 15.68
N PRO A 431 11.94 -30.72 16.65
CA PRO A 431 12.79 -29.77 17.39
C PRO A 431 13.81 -29.07 16.52
N LYS A 432 14.15 -29.62 15.36
CA LYS A 432 15.17 -29.01 14.51
C LYS A 432 14.71 -27.69 13.91
N LEU A 433 13.41 -27.44 13.85
CA LEU A 433 12.91 -26.21 13.22
C LEU A 433 13.31 -24.98 14.03
N VAL A 434 13.04 -24.99 15.33
CA VAL A 434 13.13 -23.77 16.13
C VAL A 434 14.53 -23.15 16.08
N PRO A 435 15.62 -23.91 16.24
CA PRO A 435 16.94 -23.28 16.13
C PRO A 435 17.17 -22.62 14.78
N LEU A 436 16.74 -23.26 13.69
CA LEU A 436 16.90 -22.66 12.37
C LEU A 436 16.09 -21.38 12.26
N VAL A 437 14.86 -21.38 12.78
CA VAL A 437 14.01 -20.19 12.69
C VAL A 437 14.63 -19.05 13.47
N ILE A 438 15.09 -19.31 14.69
CA ILE A 438 15.66 -18.25 15.50
C ILE A 438 16.94 -17.72 14.86
N ALA A 439 17.77 -18.62 14.33
CA ALA A 439 19.00 -18.18 13.67
C ALA A 439 18.69 -17.33 12.44
N PHE A 440 17.72 -17.75 11.64
CA PHE A 440 17.37 -16.99 10.45
C PHE A 440 16.77 -15.63 10.80
N ARG A 441 15.96 -15.57 11.86
CA ARG A 441 15.43 -14.30 12.33
C ARG A 441 16.55 -13.38 12.80
N TYR A 442 17.53 -13.92 13.52
CA TYR A 442 18.65 -13.10 13.97
C TYR A 442 19.47 -12.62 12.78
N TRP A 443 19.64 -13.46 11.77
CA TRP A 443 20.31 -13.04 10.55
C TRP A 443 19.58 -11.88 9.90
N ALA A 444 18.25 -11.98 9.81
CA ALA A 444 17.46 -10.91 9.22
C ALA A 444 17.59 -9.63 10.03
N LYS A 445 17.57 -9.74 11.35
CA LYS A 445 17.72 -8.57 12.20
C LYS A 445 19.09 -7.92 12.01
N LEU A 446 20.15 -8.73 11.93
CA LEU A 446 21.48 -8.16 11.72
C LEU A 446 21.57 -7.48 10.36
N CYS A 447 21.01 -8.10 9.33
CA CYS A 447 20.97 -7.46 8.02
C CYS A 447 19.94 -6.35 7.94
N SER A 448 19.12 -6.17 8.99
CA SER A 448 18.16 -5.07 9.06
C SER A 448 17.14 -5.14 7.92
N ILE A 449 16.42 -6.26 7.89
CA ILE A 449 15.34 -6.46 6.91
C ILE A 449 14.06 -6.96 7.55
N ASP A 450 14.06 -7.26 8.86
CA ASP A 450 12.87 -7.80 9.49
C ASP A 450 11.80 -6.73 9.66
N ARG A 451 12.21 -5.50 9.95
CA ARG A 451 11.24 -4.43 10.18
C ARG A 451 10.59 -4.03 8.87
N PRO A 452 9.25 -4.10 8.75
CA PRO A 452 8.60 -3.66 7.51
C PRO A 452 8.47 -2.16 7.36
N GLU A 453 8.76 -1.40 8.41
CA GLU A 453 8.69 0.05 8.31
C GLU A 453 9.68 0.58 7.28
N GLU A 454 10.90 0.02 7.27
CA GLU A 454 11.94 0.43 6.34
C GLU A 454 11.87 -0.33 5.02
N GLY A 455 10.75 -0.97 4.71
CA GLY A 455 10.58 -1.67 3.46
C GLY A 455 11.00 -3.12 3.46
N GLY A 456 11.56 -3.62 4.55
CA GLY A 456 11.96 -5.02 4.60
C GLY A 456 10.78 -5.95 4.78
N LEU A 457 11.08 -7.25 4.73
CA LEU A 457 10.05 -8.26 4.93
C LEU A 457 9.69 -8.34 6.42
N PRO A 458 8.47 -8.76 6.74
CA PRO A 458 8.07 -8.88 8.15
C PRO A 458 8.96 -9.88 8.87
N PRO A 459 8.95 -9.87 10.21
CA PRO A 459 9.88 -10.75 10.94
C PRO A 459 9.50 -12.22 10.88
N TYR A 460 8.21 -12.54 11.04
CA TYR A 460 7.82 -13.95 11.13
C TYR A 460 7.89 -14.68 9.79
N VAL A 461 7.99 -13.95 8.68
CA VAL A 461 7.95 -14.59 7.36
C VAL A 461 9.05 -15.63 7.26
N PHE A 462 10.23 -15.33 7.80
CA PHE A 462 11.35 -16.24 7.70
C PHE A 462 11.01 -17.61 8.26
N ALA A 463 10.17 -17.66 9.30
CA ALA A 463 9.74 -18.95 9.81
C ALA A 463 9.06 -19.77 8.72
N LEU A 464 8.11 -19.17 8.00
CA LEU A 464 7.48 -19.87 6.89
C LEU A 464 8.53 -20.34 5.89
N MET A 465 9.60 -19.56 5.71
CA MET A 465 10.67 -19.97 4.81
C MET A 465 11.56 -21.04 5.44
N ALA A 466 11.76 -21.00 6.77
CA ALA A 466 12.64 -21.97 7.40
C ALA A 466 12.11 -23.39 7.23
N ILE A 467 10.79 -23.56 7.33
CA ILE A 467 10.19 -24.85 7.03
C ILE A 467 10.24 -25.13 5.53
N PHE A 468 10.11 -24.09 4.71
CA PHE A 468 9.92 -24.28 3.27
C PHE A 468 11.08 -25.06 2.66
N PHE A 469 12.31 -24.67 2.98
CA PHE A 469 13.45 -25.38 2.39
C PHE A 469 13.50 -26.82 2.87
N LEU A 470 13.03 -27.09 4.09
CA LEU A 470 12.89 -28.47 4.53
C LEU A 470 11.89 -29.23 3.66
N GLN A 471 10.80 -28.57 3.30
CA GLN A 471 9.78 -29.20 2.46
C GLN A 471 10.32 -29.50 1.06
N GLN A 472 10.99 -28.53 0.44
CA GLN A 472 11.47 -28.66 -0.93
C GLN A 472 12.81 -29.38 -1.03
N ARG A 473 13.42 -29.75 0.09
CA ARG A 473 14.72 -30.39 0.05
C ARG A 473 14.63 -31.73 -0.67
N LYS A 474 15.79 -32.34 -0.90
CA LYS A 474 15.83 -33.63 -1.58
C LYS A 474 15.02 -34.67 -0.80
N GLU A 475 15.16 -34.68 0.52
CA GLU A 475 14.29 -35.46 1.39
C GLU A 475 13.40 -34.50 2.16
N PRO A 476 12.09 -34.43 1.86
CA PRO A 476 11.24 -33.48 2.60
C PRO A 476 11.08 -33.86 4.05
N LEU A 477 11.67 -33.07 4.95
CA LEU A 477 11.53 -33.32 6.38
C LEU A 477 10.11 -33.04 6.86
N LEU A 478 9.50 -31.96 6.36
CA LEU A 478 8.16 -31.59 6.72
C LEU A 478 7.22 -31.94 5.57
N PRO A 479 6.34 -32.94 5.73
CA PRO A 479 5.46 -33.31 4.62
C PRO A 479 4.47 -32.21 4.28
N VAL A 480 4.10 -32.14 3.00
CA VAL A 480 3.13 -31.17 2.53
C VAL A 480 1.76 -31.53 3.09
N TYR A 481 0.81 -30.60 2.98
CA TYR A 481 -0.53 -30.81 3.51
C TYR A 481 -1.61 -30.71 2.43
N LEU A 482 -1.24 -30.41 1.19
CA LEU A 482 -2.17 -30.42 0.07
C LEU A 482 -1.49 -31.03 -1.14
N GLY A 483 -2.28 -31.68 -1.98
CA GLY A 483 -1.75 -32.34 -3.15
C GLY A 483 -2.82 -33.22 -3.79
N SER A 484 -2.36 -34.04 -4.73
CA SER A 484 -3.27 -34.93 -5.46
C SER A 484 -3.79 -36.09 -4.62
N TRP A 485 -3.42 -36.17 -3.34
CA TRP A 485 -3.88 -37.27 -2.50
C TRP A 485 -5.41 -37.26 -2.40
N ILE A 486 -5.99 -36.09 -2.20
CA ILE A 486 -7.45 -35.97 -2.05
C ILE A 486 -8.10 -35.96 -3.43
N GLU A 487 -9.29 -36.53 -3.52
CA GLU A 487 -10.01 -36.60 -4.77
C GLU A 487 -10.45 -35.21 -5.21
N GLY A 488 -10.48 -35.01 -6.53
CA GLY A 488 -10.87 -33.73 -7.09
C GLY A 488 -9.89 -32.62 -6.75
N PHE A 489 -8.60 -32.89 -6.90
CA PHE A 489 -7.55 -31.91 -6.62
C PHE A 489 -6.87 -31.49 -7.91
N SER A 490 -6.51 -30.22 -7.99
CA SER A 490 -5.76 -29.68 -9.12
C SER A 490 -5.07 -28.42 -8.67
N LEU A 491 -4.06 -28.01 -9.46
CA LEU A 491 -3.36 -26.77 -9.15
C LEU A 491 -4.29 -25.57 -9.23
N SER A 492 -5.17 -25.55 -10.23
CA SER A 492 -6.16 -24.47 -10.31
C SER A 492 -7.08 -24.48 -9.11
N LYS A 493 -7.42 -25.67 -8.60
CA LYS A 493 -8.28 -25.79 -7.44
C LYS A 493 -7.52 -25.58 -6.13
N LEU A 494 -6.19 -25.47 -6.18
CA LEU A 494 -5.42 -25.27 -4.94
C LEU A 494 -5.87 -24.01 -4.22
N GLY A 495 -6.29 -22.98 -4.95
CA GLY A 495 -6.78 -21.77 -4.30
C GLY A 495 -7.96 -22.04 -3.39
N ASN A 496 -8.94 -22.83 -3.87
CA ASN A 496 -10.04 -23.21 -3.02
C ASN A 496 -9.58 -24.09 -1.87
N PHE A 497 -8.64 -25.01 -2.14
CA PHE A 497 -8.05 -25.79 -1.06
C PHE A 497 -7.34 -24.87 -0.08
N ASN A 498 -7.57 -25.08 1.21
CA ASN A 498 -6.98 -24.22 2.22
C ASN A 498 -6.98 -24.95 3.56
N LEU A 499 -5.91 -24.76 4.32
CA LEU A 499 -5.82 -25.34 5.65
C LEU A 499 -6.86 -24.70 6.57
N GLN A 500 -7.51 -25.52 7.39
CA GLN A 500 -8.57 -25.05 8.28
C GLN A 500 -8.13 -24.95 9.73
N ASP A 501 -7.60 -26.03 10.29
CA ASP A 501 -7.22 -26.03 11.70
C ASP A 501 -6.21 -27.15 11.94
N ILE A 502 -5.69 -27.21 13.16
CA ILE A 502 -4.81 -28.28 13.57
C ILE A 502 -5.24 -28.76 14.96
N GLU A 503 -5.09 -30.07 15.19
CA GLU A 503 -5.40 -30.65 16.48
C GLU A 503 -4.86 -32.07 16.53
N LYS A 504 -4.44 -32.49 17.71
CA LYS A 504 -4.00 -33.87 17.93
C LYS A 504 -2.95 -34.28 16.90
N ASP A 505 -2.06 -33.35 16.56
CA ASP A 505 -0.94 -33.62 15.66
C ASP A 505 -1.41 -33.96 14.26
N VAL A 506 -2.54 -33.42 13.83
CA VAL A 506 -3.03 -33.58 12.46
C VAL A 506 -3.72 -32.29 12.04
N VAL A 507 -3.53 -31.91 10.78
CA VAL A 507 -4.11 -30.71 10.21
C VAL A 507 -5.37 -31.09 9.44
N ILE A 508 -6.48 -30.42 9.76
CA ILE A 508 -7.74 -30.60 9.05
C ILE A 508 -7.91 -29.46 8.06
N TRP A 509 -8.23 -29.81 6.82
CA TRP A 509 -8.37 -28.86 5.73
C TRP A 509 -9.67 -29.09 4.99
N GLU A 510 -10.21 -28.02 4.42
CA GLU A 510 -11.50 -28.04 3.75
C GLU A 510 -11.36 -27.48 2.34
N HIS A 511 -12.22 -27.97 1.45
CA HIS A 511 -12.23 -27.56 0.05
C HIS A 511 -13.67 -27.34 -0.37
N THR A 512 -13.97 -26.13 -0.84
CA THR A 512 -15.30 -25.76 -1.31
C THR A 512 -15.21 -25.40 -2.79
N ASP A 513 -16.05 -26.04 -3.60
CA ASP A 513 -16.03 -25.79 -5.03
C ASP A 513 -16.52 -24.38 -5.34
N SER A 514 -15.86 -23.73 -6.29
CA SER A 514 -16.23 -22.38 -6.70
C SER A 514 -17.05 -22.42 -7.99
N PRO A 531 -20.55 -29.47 -3.47
CA PRO A 531 -19.91 -30.43 -2.57
C PRO A 531 -18.69 -29.84 -1.84
N ILE A 532 -18.46 -30.31 -0.62
CA ILE A 532 -17.35 -29.83 0.20
C ILE A 532 -16.55 -31.05 0.65
N LYS A 533 -15.22 -30.97 0.53
CA LYS A 533 -14.33 -32.07 0.87
C LYS A 533 -13.48 -31.67 2.08
N ARG A 534 -13.67 -32.38 3.19
CA ARG A 534 -12.91 -32.13 4.41
C ARG A 534 -12.04 -33.35 4.71
N GLY A 535 -10.79 -33.10 5.06
CA GLY A 535 -9.87 -34.20 5.31
C GLY A 535 -8.76 -33.80 6.25
N GLN A 536 -8.23 -34.80 6.98
CA GLN A 536 -7.17 -34.60 7.95
C GLN A 536 -5.92 -35.33 7.49
N VAL A 537 -4.78 -34.66 7.63
CA VAL A 537 -3.49 -35.20 7.23
C VAL A 537 -2.50 -35.03 8.38
N SER A 538 -1.66 -36.03 8.59
CA SER A 538 -0.66 -35.96 9.64
C SER A 538 0.26 -34.77 9.41
N LEU A 539 0.54 -34.02 10.48
CA LEU A 539 1.41 -32.86 10.38
C LEU A 539 2.82 -33.28 9.97
N ILE A 540 3.32 -34.37 10.55
CA ILE A 540 4.69 -34.83 10.32
C ILE A 540 4.64 -36.24 9.75
N LEU A 541 5.68 -36.59 8.99
CA LEU A 541 5.72 -37.88 8.32
C LEU A 541 5.78 -39.01 9.35
N ASP A 542 4.96 -40.03 9.13
CA ASP A 542 4.94 -41.21 10.00
C ASP A 542 5.95 -42.25 9.49
N VAL A 543 7.20 -41.84 9.46
CA VAL A 543 8.30 -42.66 8.95
C VAL A 543 9.34 -42.80 10.04
N LYS A 544 9.82 -44.03 10.25
CA LYS A 544 10.84 -44.30 11.26
C LYS A 544 12.25 -43.97 10.79
N HIS A 545 12.45 -43.73 9.50
CA HIS A 545 13.76 -43.48 8.93
C HIS A 545 14.01 -42.00 8.69
N GLN A 546 13.51 -41.13 9.56
CA GLN A 546 13.75 -39.71 9.39
C GLN A 546 15.23 -39.42 9.56
N PRO A 547 15.87 -38.71 8.62
CA PRO A 547 17.32 -38.55 8.68
C PRO A 547 17.75 -37.73 9.88
N SER A 548 18.93 -38.07 10.41
CA SER A 548 19.50 -37.39 11.57
C SER A 548 20.47 -36.29 11.11
N VAL A 549 19.94 -35.38 10.30
CA VAL A 549 20.74 -34.26 9.80
C VAL A 549 20.98 -33.27 10.94
N PRO A 550 22.22 -32.83 11.17
CA PRO A 550 22.45 -31.81 12.19
C PRO A 550 21.86 -30.47 11.78
N VAL A 551 21.63 -29.63 12.79
CA VAL A 551 21.01 -28.33 12.54
C VAL A 551 21.89 -27.48 11.63
N GLY A 552 23.20 -27.57 11.78
CA GLY A 552 24.10 -26.79 10.94
C GLY A 552 23.98 -27.16 9.48
N GLN A 553 23.89 -28.46 9.18
CA GLN A 553 23.72 -28.88 7.80
C GLN A 553 22.42 -28.35 7.23
N LEU A 554 21.34 -28.40 8.01
CA LEU A 554 20.07 -27.85 7.55
C LEU A 554 20.19 -26.36 7.28
N TRP A 555 20.89 -25.62 8.16
CA TRP A 555 21.05 -24.19 7.96
C TRP A 555 21.84 -23.87 6.70
N VAL A 556 22.94 -24.60 6.47
CA VAL A 556 23.74 -24.37 5.27
C VAL A 556 22.95 -24.71 4.02
N GLU A 557 22.20 -25.82 4.06
CA GLU A 557 21.35 -26.17 2.92
C GLU A 557 20.26 -25.14 2.70
N LEU A 558 19.72 -24.56 3.78
CA LEU A 558 18.76 -23.47 3.64
C LEU A 558 19.37 -22.29 2.91
N LEU A 559 20.58 -21.90 3.32
CA LEU A 559 21.24 -20.77 2.67
C LEU A 559 21.51 -21.06 1.20
N ARG A 560 21.99 -22.28 0.90
CA ARG A 560 22.22 -22.65 -0.49
C ARG A 560 20.92 -22.65 -1.28
N PHE A 561 19.83 -23.11 -0.67
CA PHE A 561 18.54 -23.12 -1.34
C PHE A 561 18.11 -21.72 -1.70
N TYR A 562 18.24 -20.78 -0.77
CA TYR A 562 17.83 -19.41 -1.06
C TYR A 562 18.83 -18.69 -1.95
N ALA A 563 20.06 -19.21 -2.09
CA ALA A 563 21.08 -18.59 -2.92
C ALA A 563 21.62 -19.62 -3.90
N LEU A 564 21.34 -19.42 -5.19
CA LEU A 564 21.84 -20.24 -6.29
C LEU A 564 21.22 -21.63 -6.36
N GLU A 565 20.08 -21.87 -5.71
CA GLU A 565 19.39 -23.14 -5.89
C GLU A 565 17.87 -22.98 -5.93
N PHE A 566 17.36 -21.76 -5.98
CA PHE A 566 15.92 -21.53 -6.00
C PHE A 566 15.64 -20.24 -6.74
N ASN A 567 14.40 -20.12 -7.22
CA ASN A 567 13.95 -18.93 -7.94
C ASN A 567 13.13 -18.08 -6.98
N LEU A 568 13.79 -17.17 -6.27
CA LEU A 568 13.07 -16.27 -5.38
C LEU A 568 12.13 -15.36 -6.16
N ALA A 569 12.56 -14.92 -7.33
CA ALA A 569 11.81 -13.90 -8.07
C ALA A 569 10.57 -14.46 -8.75
N ASP A 570 10.65 -15.69 -9.28
CA ASP A 570 9.61 -16.22 -10.15
C ASP A 570 8.77 -17.33 -9.52
N LEU A 571 9.02 -17.70 -8.27
CA LEU A 571 8.29 -18.78 -7.62
C LEU A 571 7.72 -18.30 -6.29
N VAL A 572 6.57 -18.87 -5.93
CA VAL A 572 5.87 -18.55 -4.69
C VAL A 572 6.28 -19.55 -3.62
N ILE A 573 6.65 -19.05 -2.45
CA ILE A 573 7.07 -19.89 -1.33
C ILE A 573 5.81 -20.29 -0.56
N SER A 574 5.37 -21.53 -0.77
CA SER A 574 4.21 -22.07 -0.07
C SER A 574 4.55 -23.46 0.45
N ILE A 575 3.96 -23.81 1.60
CA ILE A 575 4.27 -25.06 2.29
C ILE A 575 3.15 -26.08 2.13
N ARG A 576 2.24 -25.88 1.19
CA ARG A 576 1.08 -26.75 1.04
C ARG A 576 1.23 -27.78 -0.06
N VAL A 577 1.93 -27.46 -1.15
CA VAL A 577 2.07 -28.35 -2.29
C VAL A 577 3.53 -28.44 -2.67
N LYS A 578 3.98 -29.66 -2.98
CA LYS A 578 5.39 -29.88 -3.29
C LYS A 578 5.78 -29.15 -4.58
N GLU A 579 4.97 -29.26 -5.62
CA GLU A 579 5.31 -28.66 -6.91
C GLU A 579 5.28 -27.14 -6.80
N LEU A 580 6.34 -26.50 -7.27
CA LEU A 580 6.48 -25.05 -7.12
C LEU A 580 5.38 -24.32 -7.87
N VAL A 581 4.49 -23.65 -7.14
CA VAL A 581 3.38 -22.96 -7.77
C VAL A 581 3.91 -21.80 -8.60
N SER A 582 3.49 -21.73 -9.86
CA SER A 582 3.90 -20.64 -10.73
C SER A 582 3.30 -19.34 -10.25
N ARG A 583 4.07 -18.25 -10.37
CA ARG A 583 3.57 -16.95 -9.97
C ARG A 583 2.31 -16.58 -10.75
N GLU A 584 2.21 -17.00 -12.00
CA GLU A 584 1.01 -16.71 -12.79
C GLU A 584 -0.22 -17.37 -12.18
N LEU A 585 -0.08 -18.61 -11.71
CA LEU A 585 -1.21 -19.28 -11.07
C LEU A 585 -1.68 -18.51 -9.85
N LYS A 586 -0.75 -17.93 -9.10
CA LYS A 586 -1.06 -17.10 -7.95
C LYS A 586 -1.33 -15.64 -8.32
N ASP A 587 -1.35 -15.33 -9.61
CA ASP A 587 -1.61 -13.98 -10.11
C ASP A 587 -0.84 -12.94 -9.30
N TRP A 588 0.47 -13.14 -9.22
CA TRP A 588 1.36 -12.25 -8.50
C TRP A 588 2.50 -11.82 -9.40
N PRO A 589 3.09 -10.65 -9.15
CA PRO A 589 4.22 -10.20 -9.97
C PRO A 589 5.46 -11.05 -9.73
N LYS A 590 6.31 -11.10 -10.74
CA LYS A 590 7.55 -11.87 -10.69
C LYS A 590 8.75 -11.00 -10.32
N LYS A 591 8.53 -9.75 -9.93
CA LYS A 591 9.64 -8.83 -9.68
C LYS A 591 10.38 -9.18 -8.39
N ARG A 592 9.64 -9.49 -7.32
CA ARG A 592 10.27 -9.62 -6.01
C ARG A 592 9.82 -10.91 -5.31
N ILE A 593 10.22 -11.06 -4.04
CA ILE A 593 9.89 -12.27 -3.29
C ILE A 593 8.39 -12.31 -3.03
N ALA A 594 7.85 -13.54 -2.95
CA ALA A 594 6.46 -13.76 -2.59
C ALA A 594 6.38 -14.96 -1.66
N ILE A 595 5.78 -14.77 -0.49
CA ILE A 595 5.64 -15.82 0.51
C ILE A 595 4.15 -16.08 0.70
N GLU A 596 3.77 -17.35 0.64
CA GLU A 596 2.37 -17.76 0.75
C GLU A 596 2.07 -18.16 2.19
N ASP A 597 1.07 -17.50 2.79
CA ASP A 597 0.67 -17.83 4.15
C ASP A 597 -0.37 -18.95 4.12
N PRO A 598 -0.24 -19.99 4.94
CA PRO A 598 -1.13 -21.15 4.79
C PRO A 598 -2.61 -20.84 4.98
N TYR A 599 -2.96 -19.90 5.85
CA TYR A 599 -4.35 -19.67 6.23
C TYR A 599 -4.94 -18.40 5.63
N SER A 600 -4.32 -17.86 4.58
CA SER A 600 -4.93 -16.76 3.82
C SER A 600 -4.36 -16.84 2.40
N VAL A 601 -5.14 -17.41 1.48
CA VAL A 601 -4.65 -17.68 0.14
C VAL A 601 -4.35 -16.38 -0.61
N LYS A 602 -5.23 -15.39 -0.48
CA LYS A 602 -5.11 -14.18 -1.28
C LYS A 602 -3.85 -13.41 -0.91
N ARG A 603 -3.53 -13.32 0.37
CA ARG A 603 -2.49 -12.41 0.84
C ARG A 603 -1.11 -12.90 0.43
N ASN A 604 -0.28 -11.98 -0.07
CA ASN A 604 1.14 -12.22 -0.29
C ASN A 604 1.90 -11.54 0.83
N VAL A 605 2.34 -12.33 1.81
CA VAL A 605 2.91 -11.78 3.05
C VAL A 605 4.23 -11.07 2.83
N ALA A 606 4.88 -11.27 1.69
CA ALA A 606 6.16 -10.65 1.39
C ALA A 606 6.03 -9.40 0.53
N ARG A 607 4.88 -8.72 0.61
CA ARG A 607 4.66 -7.53 -0.19
C ARG A 607 5.29 -6.27 0.40
N THR A 608 5.73 -6.30 1.66
CA THR A 608 6.31 -5.11 2.27
C THR A 608 7.57 -4.67 1.52
N LEU A 609 8.23 -5.60 0.84
CA LEU A 609 9.40 -5.29 0.03
C LEU A 609 8.94 -5.02 -1.39
N ASN A 610 9.01 -3.76 -1.81
CA ASN A 610 8.55 -3.34 -3.13
C ASN A 610 9.58 -2.50 -3.86
N SER A 611 10.84 -2.54 -3.42
CA SER A 611 11.91 -1.73 -3.99
C SER A 611 13.07 -2.64 -4.38
N GLN A 612 13.46 -2.61 -5.65
CA GLN A 612 14.51 -3.50 -6.12
C GLN A 612 15.81 -3.36 -5.34
N PRO A 613 16.28 -2.17 -4.99
CA PRO A 613 17.51 -2.09 -4.18
C PRO A 613 17.44 -2.91 -2.90
N VAL A 614 16.29 -2.95 -2.24
CA VAL A 614 16.16 -3.74 -1.01
C VAL A 614 16.27 -5.23 -1.34
N PHE A 615 15.66 -5.65 -2.44
CA PHE A 615 15.79 -7.03 -2.89
C PHE A 615 17.25 -7.38 -3.12
N GLU A 616 17.98 -6.49 -3.80
CA GLU A 616 19.39 -6.73 -4.04
C GLU A 616 20.16 -6.77 -2.74
N TYR A 617 19.75 -5.97 -1.76
CA TYR A 617 20.43 -5.99 -0.46
C TYR A 617 20.25 -7.33 0.22
N ILE A 618 19.02 -7.87 0.24
CA ILE A 618 18.82 -9.16 0.89
C ILE A 618 19.53 -10.25 0.12
N LEU A 619 19.56 -10.14 -1.21
CA LEU A 619 20.26 -11.12 -2.02
C LEU A 619 21.75 -11.11 -1.72
N HIS A 620 22.33 -9.92 -1.55
CA HIS A 620 23.74 -9.82 -1.18
C HIS A 620 23.99 -10.37 0.22
N CYS A 621 23.07 -10.11 1.16
CA CYS A 621 23.20 -10.70 2.49
C CYS A 621 23.21 -12.21 2.41
N LEU A 622 22.28 -12.78 1.63
CA LEU A 622 22.22 -14.22 1.47
C LEU A 622 23.49 -14.77 0.82
N ARG A 623 23.98 -14.09 -0.21
CA ARG A 623 25.19 -14.54 -0.89
C ARG A 623 26.38 -14.55 0.06
N THR A 624 26.59 -13.44 0.78
CA THR A 624 27.75 -13.36 1.67
C THR A 624 27.63 -14.36 2.81
N THR A 625 26.44 -14.52 3.38
CA THR A 625 26.29 -15.46 4.49
C THR A 625 26.44 -16.90 4.01
N TYR A 626 25.97 -17.21 2.81
CA TYR A 626 26.18 -18.54 2.25
C TYR A 626 27.66 -18.80 2.04
N LYS A 627 28.38 -17.83 1.48
CA LYS A 627 29.82 -18.00 1.29
C LYS A 627 30.52 -18.19 2.63
N TYR A 628 30.14 -17.40 3.64
CA TYR A 628 30.72 -17.57 4.96
C TYR A 628 30.31 -18.90 5.58
N PHE A 629 29.07 -19.33 5.33
CA PHE A 629 28.55 -20.55 5.90
C PHE A 629 28.77 -21.77 5.01
N ALA A 630 29.50 -21.61 3.91
CA ALA A 630 29.82 -22.74 3.05
C ALA A 630 31.31 -22.76 2.73
N ASP A 945 39.92 -25.95 14.43
CA ASP A 945 39.17 -25.14 15.38
C ASP A 945 38.28 -24.14 14.66
N PHE A 946 37.43 -24.65 13.77
CA PHE A 946 36.52 -23.78 13.03
C PHE A 946 35.59 -23.04 13.99
N PHE A 947 35.49 -21.73 13.81
CA PHE A 947 34.64 -20.88 14.63
C PHE A 947 33.80 -20.00 13.74
N TYR A 948 32.54 -19.80 14.13
CA TYR A 948 31.60 -19.00 13.37
C TYR A 948 30.88 -18.04 14.31
N GLU A 949 30.22 -17.05 13.72
CA GLU A 949 29.50 -16.07 14.51
C GLU A 949 28.53 -15.31 13.61
N PHE A 950 27.44 -14.84 14.23
CA PHE A 950 26.45 -14.01 13.54
C PHE A 950 26.80 -12.55 13.76
N SER A 951 27.14 -11.85 12.68
CA SER A 951 27.54 -10.45 12.76
C SER A 951 26.96 -9.68 11.58
N LYS A 952 26.48 -8.47 11.86
CA LYS A 952 25.93 -7.63 10.81
C LYS A 952 26.99 -7.26 9.78
N LEU A 953 28.19 -6.90 10.26
CA LEU A 953 29.24 -6.48 9.34
C LEU A 953 29.63 -7.59 8.38
N ILE A 954 29.76 -8.82 8.90
CA ILE A 954 30.17 -9.95 8.06
C ILE A 954 29.12 -10.23 7.00
N PHE A 955 27.85 -10.21 7.38
CA PHE A 955 26.78 -10.52 6.43
C PHE A 955 26.65 -9.42 5.38
N THR A 956 26.63 -8.17 5.81
CA THR A 956 26.47 -7.06 4.87
C THR A 956 27.75 -6.81 4.07
N LYS A 957 28.91 -7.02 4.69
CA LYS A 957 30.19 -6.77 4.03
C LYS A 957 30.37 -5.29 3.69
N GLY A 958 29.87 -4.43 4.58
CA GLY A 958 30.04 -3.00 4.46
C GLY A 958 28.88 -2.28 3.78
N LYS A 959 28.04 -3.00 3.04
CA LYS A 959 26.90 -2.36 2.39
C LYS A 959 25.93 -1.84 3.42
N SER A 960 25.35 -0.67 3.13
CA SER A 960 24.39 -0.05 4.03
C SER A 960 22.96 -0.27 3.53
N PRO A 961 21.99 -0.45 4.42
CA PRO A 961 20.61 -0.66 3.97
C PRO A 961 20.10 0.54 3.19
N THR A 962 18.88 0.40 2.67
CA THR A 962 18.20 1.44 1.90
C THR A 962 16.81 1.62 2.48
N VAL A 963 16.67 2.58 3.41
CA VAL A 963 15.37 2.82 4.03
C VAL A 963 14.36 3.22 2.96
N VAL A 964 13.15 2.70 3.10
CA VAL A 964 12.07 2.95 2.14
C VAL A 964 10.93 3.63 2.88
N CYS A 965 10.36 4.66 2.26
CA CYS A 965 9.24 5.41 2.83
C CYS A 965 7.96 4.66 2.53
N SER A 966 7.42 3.96 3.53
CA SER A 966 6.16 3.26 3.34
C SER A 966 4.99 4.22 3.17
N LEU A 967 5.12 5.47 3.60
CA LEU A 967 4.02 6.42 3.52
C LEU A 967 3.81 6.90 2.09
N CYS A 968 4.89 7.18 1.36
CA CYS A 968 4.81 7.68 -0.01
C CYS A 968 5.12 6.63 -1.05
N LYS A 969 5.47 5.41 -0.65
CA LYS A 969 5.90 4.34 -1.55
C LYS A 969 7.22 4.67 -2.23
N ARG A 970 7.91 5.71 -1.80
CA ARG A 970 9.18 6.12 -2.38
C ARG A 970 10.32 5.61 -1.50
N GLU A 971 11.55 6.03 -1.83
CA GLU A 971 12.74 5.56 -1.13
C GLU A 971 13.60 6.74 -0.72
N GLY A 972 14.21 6.65 0.46
CA GLY A 972 15.17 7.64 0.91
C GLY A 972 14.82 8.28 2.24
N HIS A 973 13.54 8.54 2.48
CA HIS A 973 13.10 9.24 3.68
C HIS A 973 12.24 8.31 4.53
N LEU A 974 12.51 8.30 5.83
CA LEU A 974 11.72 7.52 6.77
C LEU A 974 10.38 8.20 7.04
N LYS A 975 9.43 7.43 7.55
CA LYS A 975 8.09 7.95 7.78
C LYS A 975 8.10 9.08 8.82
N LYS A 976 8.88 8.91 9.89
CA LYS A 976 8.84 9.89 10.99
C LYS A 976 9.20 11.29 10.51
N ASP A 977 10.25 11.41 9.71
CA ASP A 977 10.63 12.68 9.08
C ASP A 977 10.60 12.50 7.58
N CYS A 978 9.74 13.26 6.90
CA CYS A 978 9.56 13.15 5.47
C CYS A 978 9.03 14.46 4.93
N PRO A 979 9.48 14.93 3.77
CA PRO A 979 8.94 16.18 3.23
C PRO A 979 7.44 16.14 3.00
N GLU A 980 6.89 15.00 2.60
CA GLU A 980 5.47 14.89 2.27
C GLU A 980 4.67 14.46 3.49
N ASP A 981 4.58 15.36 4.46
CA ASP A 981 3.78 15.16 5.67
C ASP A 981 2.97 16.42 5.91
N PHE A 982 1.68 16.38 5.56
CA PHE A 982 0.84 17.56 5.72
C PHE A 982 0.70 17.95 7.19
N LYS A 983 0.61 16.96 8.07
CA LYS A 983 0.43 17.24 9.49
C LYS A 983 1.62 18.02 10.05
N ARG A 984 2.83 17.67 9.62
CA ARG A 984 4.01 18.38 10.11
C ARG A 984 3.99 19.85 9.69
N ILE A 985 3.31 20.17 8.59
CA ILE A 985 3.23 21.54 8.12
C ILE A 985 2.53 22.40 9.16
N LEU A 987 5.18 25.53 11.84
CA LEU A 987 4.15 26.55 11.98
C LEU A 987 4.66 27.72 12.81
N GLU A 988 4.10 28.91 12.57
CA GLU A 988 4.51 30.12 13.26
C GLU A 988 3.29 30.85 13.81
N PRO A 989 3.47 31.64 14.86
CA PRO A 989 2.31 32.34 15.44
C PRO A 989 1.86 33.49 14.56
N LEU A 990 0.55 33.75 14.60
CA LEU A 990 -0.03 34.82 13.80
C LEU A 990 0.12 36.16 14.51
N PRO A 991 0.14 37.25 13.75
CA PRO A 991 0.23 38.59 14.37
C PRO A 991 -1.09 38.99 14.99
N PRO A 992 -1.09 40.03 15.83
CA PRO A 992 -2.34 40.46 16.46
C PRO A 992 -3.30 41.07 15.45
N LEU A 993 -4.58 41.00 15.77
CA LEU A 993 -5.64 41.46 14.88
C LEU A 993 -6.10 42.85 15.32
N THR A 994 -5.79 43.86 14.50
CA THR A 994 -6.29 45.20 14.74
C THR A 994 -7.75 45.30 14.32
N PRO A 995 -8.52 46.21 14.93
CA PRO A 995 -9.94 46.32 14.55
C PRO A 995 -10.14 46.66 13.09
N LYS A 996 -9.29 47.50 12.52
CA LYS A 996 -9.45 47.87 11.11
C LYS A 996 -9.24 46.67 10.20
N PHE A 997 -8.24 45.84 10.50
CA PHE A 997 -7.99 44.64 9.68
C PHE A 997 -9.15 43.66 9.79
N LEU A 998 -9.72 43.51 10.99
CA LEU A 998 -10.89 42.65 11.15
C LEU A 998 -12.08 43.18 10.35
N ASN A 999 -12.28 44.51 10.37
CA ASN A 999 -13.34 45.09 9.57
C ASN A 999 -13.11 44.84 8.09
N ILE A 1000 -11.85 44.94 7.65
CA ILE A 1000 -11.53 44.68 6.25
C ILE A 1000 -11.85 43.22 5.89
N LEU A 1001 -11.50 42.30 6.79
CA LEU A 1001 -11.80 40.88 6.54
C LEU A 1001 -13.31 40.67 6.42
N ASP A 1002 -14.07 41.27 7.33
CA ASP A 1002 -15.53 41.16 7.25
C ASP A 1002 -16.04 41.74 5.94
N GLN A 1003 -15.50 42.89 5.54
CA GLN A 1003 -15.94 43.53 4.30
C GLN A 1003 -15.66 42.66 3.09
N VAL A 1004 -14.47 42.04 3.03
CA VAL A 1004 -14.15 41.20 1.88
C VAL A 1004 -15.03 39.95 1.88
N CYS A 1005 -15.33 39.40 3.06
CA CYS A 1005 -16.23 38.25 3.12
C CYS A 1005 -17.61 38.61 2.58
N ILE A 1006 -18.13 39.76 3.00
CA ILE A 1006 -19.45 40.20 2.52
C ILE A 1006 -19.40 40.46 1.02
N GLN A 1007 -18.29 41.03 0.55
CA GLN A 1007 -18.15 41.29 -0.89
C GLN A 1007 -18.18 39.99 -1.68
N CYS A 1008 -17.48 38.96 -1.19
CA CYS A 1008 -17.51 37.67 -1.86
C CYS A 1008 -18.92 37.10 -1.87
N TYR A 1009 -19.61 37.17 -0.72
CA TYR A 1009 -20.97 36.66 -0.67
C TYR A 1009 -21.86 37.35 -1.70
N LYS A 1010 -21.78 38.69 -1.77
CA LYS A 1010 -22.62 39.42 -2.70
C LYS A 1010 -22.24 39.11 -4.14
N ASP A 1011 -20.95 38.99 -4.43
CA ASP A 1011 -20.52 38.73 -5.81
C ASP A 1011 -20.99 37.36 -6.28
N PHE A 1012 -20.92 36.35 -5.42
CA PHE A 1012 -21.24 34.99 -5.81
C PHE A 1012 -22.67 34.59 -5.47
N SER A 1013 -23.50 35.54 -5.02
CA SER A 1013 -24.88 35.25 -4.67
C SER A 1013 -25.76 35.36 -5.92
N PRO A 1014 -26.43 34.29 -6.35
CA PRO A 1014 -27.30 34.41 -7.54
C PRO A 1014 -28.41 35.41 -7.32
N THR A 1015 -28.79 36.09 -8.39
CA THR A 1015 -29.90 37.03 -8.36
C THR A 1015 -31.22 36.29 -8.54
N ILE A 1016 -32.32 37.04 -8.40
CA ILE A 1016 -33.64 36.44 -8.59
C ILE A 1016 -33.81 35.95 -10.02
N ILE A 1017 -33.35 36.74 -10.99
CA ILE A 1017 -33.47 36.35 -12.39
C ILE A 1017 -32.74 35.05 -12.64
N GLU A 1018 -31.59 34.85 -11.99
CA GLU A 1018 -30.86 33.61 -12.14
C GLU A 1018 -31.68 32.43 -11.62
N ASP A 1019 -32.35 32.60 -10.49
CA ASP A 1019 -33.21 31.53 -9.97
C ASP A 1019 -34.35 31.24 -10.93
N GLN A 1020 -34.98 32.27 -11.48
CA GLN A 1020 -36.05 32.05 -12.44
C GLN A 1020 -35.55 31.31 -13.68
N ALA A 1021 -34.36 31.68 -14.16
CA ALA A 1021 -33.78 31.00 -15.31
C ALA A 1021 -33.50 29.54 -14.99
N ARG A 1022 -32.99 29.26 -13.78
CA ARG A 1022 -32.73 27.88 -13.39
C ARG A 1022 -34.03 27.08 -13.35
N GLU A 1023 -35.09 27.68 -12.79
CA GLU A 1023 -36.38 26.99 -12.76
C GLU A 1023 -36.89 26.70 -14.16
N HIS A 1024 -36.76 27.68 -15.07
CA HIS A 1024 -37.21 27.47 -16.44
C HIS A 1024 -36.39 26.38 -17.13
N ILE A 1025 -35.08 26.36 -16.87
CA ILE A 1025 -34.22 25.34 -17.46
C ILE A 1025 -34.62 23.96 -16.97
N ARG A 1026 -34.87 23.83 -15.67
CA ARG A 1026 -35.32 22.55 -15.11
C ARG A 1026 -36.65 22.13 -15.73
N GLN A 1027 -37.58 23.07 -15.87
CA GLN A 1027 -38.87 22.75 -16.47
C GLN A 1027 -38.70 22.29 -17.92
N ASN A 1028 -37.86 22.97 -18.69
CA ASN A 1028 -37.63 22.58 -20.07
C ASN A 1028 -36.99 21.21 -20.17
N LEU A 1029 -36.03 20.92 -19.30
CA LEU A 1029 -35.40 19.59 -19.30
C LEU A 1029 -36.42 18.52 -18.96
N GLU A 1030 -37.27 18.77 -17.97
CA GLU A 1030 -38.31 17.80 -17.62
C GLU A 1030 -39.25 17.58 -18.78
N SER A 1031 -39.68 18.65 -19.45
CA SER A 1031 -40.58 18.52 -20.58
C SER A 1031 -39.95 17.72 -21.70
N PHE A 1032 -38.67 18.00 -22.01
CA PHE A 1032 -38.00 17.27 -23.08
C PHE A 1032 -37.85 15.79 -22.72
N ILE A 1033 -37.49 15.49 -21.49
CA ILE A 1033 -37.32 14.10 -21.09
C ILE A 1033 -38.65 13.37 -21.12
N ARG A 1034 -39.74 14.06 -20.76
CA ARG A 1034 -41.05 13.43 -20.76
C ARG A 1034 -41.46 12.96 -22.15
N GLN A 1035 -40.87 13.50 -23.21
CA GLN A 1035 -41.23 13.08 -24.56
C GLN A 1035 -40.92 11.60 -24.78
N ASP A 1036 -39.76 11.14 -24.32
CA ASP A 1036 -39.39 9.74 -24.46
C ASP A 1036 -39.83 8.89 -23.28
N PHE A 1037 -39.87 9.47 -22.08
CA PHE A 1037 -40.28 8.76 -20.86
C PHE A 1037 -41.35 9.60 -20.17
N PRO A 1038 -42.61 9.47 -20.59
CA PRO A 1038 -43.66 10.31 -20.01
C PRO A 1038 -43.81 10.07 -18.52
N GLY A 1039 -44.21 11.12 -17.81
CA GLY A 1039 -44.38 11.08 -16.38
C GLY A 1039 -43.15 11.43 -15.57
N THR A 1040 -42.02 11.69 -16.22
CA THR A 1040 -40.80 12.03 -15.51
C THR A 1040 -40.95 13.37 -14.80
N LYS A 1041 -40.46 13.42 -13.56
CA LYS A 1041 -40.47 14.63 -12.75
C LYS A 1041 -39.03 14.98 -12.38
N LEU A 1042 -38.66 16.25 -12.56
CA LEU A 1042 -37.33 16.75 -12.27
C LEU A 1042 -37.39 17.70 -11.09
N SER A 1043 -36.45 17.53 -10.15
CA SER A 1043 -36.35 18.38 -8.98
C SER A 1043 -34.92 18.90 -8.87
N LEU A 1044 -34.78 20.21 -8.68
CA LEU A 1044 -33.47 20.82 -8.55
C LEU A 1044 -32.88 20.49 -7.18
N PHE A 1045 -31.55 20.34 -7.15
CA PHE A 1045 -30.84 20.01 -5.92
C PHE A 1045 -29.40 20.45 -6.07
N GLY A 1046 -28.70 20.48 -4.94
CA GLY A 1046 -27.30 20.87 -4.92
C GLY A 1046 -27.09 22.32 -4.54
N SER A 1047 -26.11 22.97 -5.16
CA SER A 1047 -25.82 24.37 -4.83
C SER A 1047 -27.03 25.26 -5.07
N SER A 1048 -27.90 24.89 -6.02
CA SER A 1048 -29.03 25.75 -6.37
C SER A 1048 -30.01 25.86 -5.20
N LYS A 1049 -30.31 24.75 -4.53
CA LYS A 1049 -31.37 24.70 -3.54
C LYS A 1049 -30.86 24.39 -2.13
N ASN A 1050 -29.56 24.43 -1.90
CA ASN A 1050 -28.98 24.14 -0.59
C ASN A 1050 -28.66 25.40 0.20
N GLY A 1051 -29.06 26.57 -0.28
CA GLY A 1051 -28.80 27.83 0.39
C GLY A 1051 -27.48 28.48 -0.03
N PHE A 1052 -26.49 27.66 -0.34
CA PHE A 1052 -25.17 28.15 -0.79
C PHE A 1052 -25.06 27.86 -2.28
N GLY A 1053 -25.45 28.84 -3.10
CA GLY A 1053 -25.40 28.69 -4.54
C GLY A 1053 -24.32 29.53 -5.17
N PHE A 1054 -23.36 28.89 -5.83
CA PHE A 1054 -22.25 29.59 -6.48
C PHE A 1054 -22.66 30.05 -7.87
N LYS A 1055 -22.23 31.25 -8.23
CA LYS A 1055 -22.53 31.78 -9.55
C LYS A 1055 -21.86 30.93 -10.62
N GLN A 1056 -22.59 30.66 -11.70
CA GLN A 1056 -22.11 29.82 -12.80
C GLN A 1056 -21.80 28.40 -12.35
N SER A 1057 -22.42 27.95 -11.26
CA SER A 1057 -22.19 26.61 -10.76
C SER A 1057 -23.00 25.59 -11.55
N ASP A 1058 -22.60 24.33 -11.44
CA ASP A 1058 -23.28 23.26 -12.15
C ASP A 1058 -24.72 23.15 -11.67
N LEU A 1059 -25.64 22.90 -12.61
CA LEU A 1059 -27.05 22.74 -12.30
C LEU A 1059 -27.34 21.27 -12.03
N ASP A 1060 -27.64 20.94 -10.78
CA ASP A 1060 -27.86 19.57 -10.37
C ASP A 1060 -29.36 19.28 -10.31
N VAL A 1061 -29.79 18.23 -10.99
CA VAL A 1061 -31.20 17.85 -11.05
C VAL A 1061 -31.32 16.36 -10.73
N CYS A 1062 -32.49 15.98 -10.22
CA CYS A 1062 -32.82 14.59 -9.93
C CYS A 1062 -34.11 14.24 -10.62
N MET A 1063 -34.14 13.09 -11.31
CA MET A 1063 -35.28 12.65 -12.09
C MET A 1063 -35.92 11.43 -11.44
N THR A 1064 -37.25 11.44 -11.39
CA THR A 1064 -38.02 10.33 -10.86
C THR A 1064 -39.16 10.01 -11.81
N ILE A 1065 -39.67 8.79 -11.71
CA ILE A 1065 -40.76 8.31 -12.56
C ILE A 1065 -41.98 8.05 -11.69
N ASN A 1066 -43.11 8.63 -12.06
CA ASN A 1066 -44.33 8.44 -11.30
C ASN A 1066 -44.77 6.98 -11.36
N GLY A 1067 -45.21 6.45 -10.22
CA GLY A 1067 -45.64 5.06 -10.18
C GLY A 1067 -44.54 4.08 -10.49
N LEU A 1068 -43.33 4.32 -9.99
CA LEU A 1068 -42.20 3.46 -10.25
C LEU A 1068 -41.18 3.53 -9.12
N GLY A 1073 -36.88 -2.52 -9.33
CA GLY A 1073 -35.79 -3.11 -10.07
C GLY A 1073 -35.44 -2.33 -11.32
N LEU A 1074 -34.80 -1.17 -11.12
CA LEU A 1074 -34.39 -0.30 -12.21
C LEU A 1074 -32.86 -0.25 -12.27
N ASP A 1075 -32.32 -0.44 -13.47
CA ASP A 1075 -30.87 -0.42 -13.66
C ASP A 1075 -30.42 1.01 -13.90
N CYS A 1076 -29.53 1.50 -13.02
CA CYS A 1076 -29.06 2.88 -13.15
C CYS A 1076 -28.27 3.07 -14.43
N VAL A 1077 -27.45 2.08 -14.81
CA VAL A 1077 -26.61 2.21 -16.00
C VAL A 1077 -27.47 2.36 -17.25
N ARG A 1078 -28.44 1.47 -17.41
CA ARG A 1078 -29.29 1.52 -18.61
C ARG A 1078 -30.12 2.79 -18.64
N THR A 1079 -30.67 3.20 -17.48
CA THR A 1079 -31.47 4.42 -17.45
C THR A 1079 -30.62 5.64 -17.79
N ILE A 1080 -29.39 5.70 -17.28
CA ILE A 1080 -28.52 6.82 -17.59
C ILE A 1080 -28.16 6.83 -19.07
N GLU A 1081 -27.89 5.65 -19.65
CA GLU A 1081 -27.59 5.59 -21.07
C GLU A 1081 -28.78 6.06 -21.90
N GLU A 1082 -29.98 5.64 -21.53
CA GLU A 1082 -31.18 6.08 -22.26
C GLU A 1082 -31.38 7.59 -22.12
N LEU A 1083 -31.17 8.12 -20.92
CA LEU A 1083 -31.31 9.56 -20.72
C LEU A 1083 -30.29 10.33 -21.55
N ALA A 1084 -29.05 9.86 -21.60
CA ALA A 1084 -28.04 10.52 -22.42
C ALA A 1084 -28.41 10.46 -23.89
N ARG A 1085 -28.92 9.32 -24.35
CA ARG A 1085 -29.37 9.20 -25.73
C ARG A 1085 -30.48 10.19 -26.03
N VAL A 1086 -31.44 10.32 -25.12
CA VAL A 1086 -32.55 11.26 -25.32
C VAL A 1086 -32.02 12.69 -25.38
N LEU A 1087 -31.13 13.05 -24.45
CA LEU A 1087 -30.59 14.41 -24.42
C LEU A 1087 -29.78 14.71 -25.68
N ARG A 1088 -29.10 13.71 -26.24
CA ARG A 1088 -28.35 13.93 -27.47
C ARG A 1088 -29.24 14.48 -28.57
N LYS A 1089 -30.52 14.11 -28.57
CA LYS A 1089 -31.43 14.60 -29.61
C LYS A 1089 -31.61 16.10 -29.50
N HIS A 1090 -31.72 16.63 -28.29
CA HIS A 1090 -31.95 18.06 -28.10
C HIS A 1090 -30.84 18.87 -28.74
N SER A 1091 -31.23 19.90 -29.50
CA SER A 1091 -30.25 20.79 -30.11
C SER A 1091 -29.56 21.65 -29.05
N GLY A 1092 -30.31 22.11 -28.06
CA GLY A 1092 -29.72 22.95 -27.03
C GLY A 1092 -28.63 22.25 -26.23
N LEU A 1093 -28.83 20.96 -25.98
CA LEU A 1093 -27.86 20.18 -25.21
C LEU A 1093 -26.81 19.59 -26.14
N ARG A 1094 -25.54 19.77 -25.77
CA ARG A 1094 -24.43 19.28 -26.57
C ARG A 1094 -23.40 18.65 -25.65
N ASN A 1095 -22.60 17.74 -26.22
CA ASN A 1095 -21.54 17.06 -25.48
C ASN A 1095 -22.14 16.23 -24.33
N ILE A 1096 -23.15 15.43 -24.66
CA ILE A 1096 -23.76 14.57 -23.65
C ILE A 1096 -22.76 13.53 -23.18
N LEU A 1097 -22.69 13.32 -21.87
CA LEU A 1097 -21.72 12.42 -21.26
C LEU A 1097 -22.39 11.64 -20.14
N PRO A 1098 -22.75 10.38 -20.37
CA PRO A 1098 -23.21 9.54 -19.26
C PRO A 1098 -22.03 8.95 -18.50
N ILE A 1099 -22.14 8.94 -17.17
CA ILE A 1099 -21.09 8.41 -16.30
C ILE A 1099 -21.72 7.39 -15.37
N THR A 1100 -21.13 6.20 -15.32
CA THR A 1100 -21.62 5.12 -14.48
C THR A 1100 -20.58 4.55 -13.53
N THR A 1101 -19.29 4.83 -13.75
CA THR A 1101 -18.26 4.31 -12.85
C THR A 1101 -18.40 4.90 -11.45
N ALA A 1102 -19.01 6.08 -11.32
CA ALA A 1102 -19.20 6.69 -10.03
C ALA A 1102 -20.25 5.94 -9.22
N LYS A 1103 -20.32 6.25 -7.93
CA LYS A 1103 -21.31 5.60 -7.07
C LYS A 1103 -22.73 5.89 -7.54
N VAL A 1104 -23.00 7.13 -7.93
CA VAL A 1104 -24.31 7.52 -8.45
C VAL A 1104 -24.15 7.86 -9.93
N PRO A 1105 -24.53 6.97 -10.85
CA PRO A 1105 -24.45 7.33 -12.27
C PRO A 1105 -25.28 8.56 -12.59
N ILE A 1106 -24.74 9.41 -13.48
CA ILE A 1106 -25.36 10.68 -13.80
C ILE A 1106 -25.02 11.07 -15.24
N VAL A 1107 -25.87 11.89 -15.83
CA VAL A 1107 -25.64 12.44 -17.17
C VAL A 1107 -25.19 13.88 -17.02
N LYS A 1108 -23.99 14.18 -17.51
CA LYS A 1108 -23.42 15.53 -17.49
C LYS A 1108 -23.40 16.06 -18.92
N PHE A 1109 -23.89 17.28 -19.09
CA PHE A 1109 -23.94 17.90 -20.40
C PHE A 1109 -23.82 19.42 -20.24
N PHE A 1110 -23.91 20.14 -21.35
CA PHE A 1110 -23.83 21.58 -21.37
C PHE A 1110 -25.12 22.14 -21.97
N HIS A 1111 -25.76 23.05 -21.24
CA HIS A 1111 -27.00 23.68 -21.70
C HIS A 1111 -26.68 25.07 -22.21
N LEU A 1112 -27.09 25.35 -23.46
CA LEU A 1112 -26.84 26.65 -24.06
C LEU A 1112 -27.73 27.73 -23.45
N ARG A 1113 -29.00 27.39 -23.18
CA ARG A 1113 -29.90 28.37 -22.57
C ARG A 1113 -29.35 28.82 -21.23
N SER A 1114 -28.90 27.89 -20.40
CA SER A 1114 -28.15 28.26 -19.21
C SER A 1114 -26.72 28.65 -19.56
N GLY A 1115 -26.18 28.08 -20.64
CA GLY A 1115 -24.77 28.27 -20.95
C GLY A 1115 -23.87 27.71 -19.88
N LEU A 1116 -24.24 26.58 -19.29
CA LEU A 1116 -23.53 26.06 -18.13
C LEU A 1116 -23.64 24.54 -18.09
N GLU A 1117 -22.81 23.94 -17.24
CA GLU A 1117 -22.84 22.50 -17.07
C GLU A 1117 -24.04 22.07 -16.24
N VAL A 1118 -24.70 21.00 -16.69
CA VAL A 1118 -25.89 20.47 -16.03
C VAL A 1118 -25.69 18.97 -15.81
N ASP A 1119 -25.90 18.53 -14.58
CA ASP A 1119 -25.80 17.12 -14.21
C ASP A 1119 -27.16 16.64 -13.73
N ILE A 1120 -27.58 15.49 -14.23
CA ILE A 1120 -28.87 14.90 -13.89
C ILE A 1120 -28.63 13.50 -13.32
N SER A 1121 -29.19 13.24 -12.14
CA SER A 1121 -29.11 11.96 -11.47
C SER A 1121 -30.49 11.31 -11.42
N LEU A 1122 -30.51 10.05 -11.01
CA LEU A 1122 -31.73 9.25 -10.95
C LEU A 1122 -32.03 8.88 -9.51
N TYR A 1123 -33.22 9.24 -9.03
CA TYR A 1123 -33.69 8.83 -7.71
C TYR A 1123 -32.67 9.18 -6.63
N ASN A 1124 -32.10 10.37 -6.72
CA ASN A 1124 -31.14 10.84 -5.73
C ASN A 1124 -31.85 11.64 -4.64
N THR A 1125 -32.81 10.99 -3.99
CA THR A 1125 -33.58 11.64 -2.93
C THR A 1125 -32.70 12.01 -1.75
N LEU A 1126 -31.71 11.18 -1.44
CA LEU A 1126 -30.81 11.49 -0.32
C LEU A 1126 -30.07 12.80 -0.57
N ALA A 1127 -29.67 13.04 -1.81
CA ALA A 1127 -29.02 14.31 -2.15
C ALA A 1127 -29.96 15.48 -1.89
N LEU A 1128 -31.23 15.34 -2.29
CA LEU A 1128 -32.20 16.41 -2.05
C LEU A 1128 -32.38 16.66 -0.56
N HIS A 1129 -32.44 15.59 0.23
CA HIS A 1129 -32.62 15.76 1.67
C HIS A 1129 -31.42 16.47 2.30
N ASN A 1130 -30.20 16.08 1.91
CA ASN A 1130 -29.03 16.74 2.49
C ASN A 1130 -28.94 18.19 2.02
N THR A 1131 -29.34 18.47 0.79
CA THR A 1131 -29.38 19.85 0.32
C THR A 1131 -30.39 20.67 1.11
N ARG A 1132 -31.53 20.09 1.43
CA ARG A 1132 -32.51 20.80 2.26
C ARG A 1132 -31.95 21.05 3.66
N LEU A 1133 -31.22 20.07 4.21
CA LEU A 1133 -30.58 20.28 5.50
C LEU A 1133 -29.61 21.45 5.45
N LEU A 1134 -28.79 21.50 4.40
CA LEU A 1134 -27.87 22.62 4.25
C LEU A 1134 -28.60 23.94 4.04
N SER A 1135 -29.75 23.91 3.36
CA SER A 1135 -30.54 25.12 3.19
C SER A 1135 -31.02 25.64 4.53
N ALA A 1136 -31.49 24.74 5.41
CA ALA A 1136 -31.88 25.18 6.75
C ALA A 1136 -30.69 25.72 7.52
N TYR A 1137 -29.55 25.02 7.43
CA TYR A 1137 -28.33 25.49 8.11
C TYR A 1137 -27.93 26.88 7.62
N SER A 1138 -28.20 27.19 6.36
CA SER A 1138 -27.94 28.53 5.86
C SER A 1138 -28.99 29.52 6.35
N ALA A 1139 -30.25 29.08 6.43
CA ALA A 1139 -31.33 30.00 6.79
C ALA A 1139 -31.25 30.42 8.25
N ILE A 1140 -30.66 29.59 9.12
CA ILE A 1140 -30.62 29.94 10.55
C ILE A 1140 -29.89 31.26 10.75
N ASP A 1141 -28.73 31.42 10.13
CA ASP A 1141 -27.95 32.65 10.23
C ASP A 1141 -27.36 33.00 8.88
N PRO A 1142 -27.12 34.29 8.61
CA PRO A 1142 -26.39 34.65 7.38
C PRO A 1142 -24.90 34.46 7.49
N ARG A 1143 -24.36 34.37 8.72
CA ARG A 1143 -22.94 34.11 8.89
C ARG A 1143 -22.55 32.79 8.21
N VAL A 1144 -23.43 31.79 8.29
CA VAL A 1144 -23.15 30.51 7.64
C VAL A 1144 -23.07 30.70 6.13
N LYS A 1145 -23.99 31.48 5.56
CA LYS A 1145 -23.97 31.73 4.13
C LYS A 1145 -22.66 32.40 3.73
N TYR A 1146 -22.26 33.44 4.46
CA TYR A 1146 -21.03 34.15 4.13
C TYR A 1146 -19.83 33.21 4.22
N LEU A 1147 -19.78 32.41 5.28
CA LEU A 1147 -18.65 31.51 5.48
C LEU A 1147 -18.59 30.47 4.36
N CYS A 1148 -19.73 29.89 3.99
CA CYS A 1148 -19.74 28.89 2.94
C CYS A 1148 -19.30 29.49 1.61
N TYR A 1149 -19.78 30.68 1.29
CA TYR A 1149 -19.41 31.30 0.02
C TYR A 1149 -17.92 31.62 -0.02
N THR A 1150 -17.37 32.17 1.07
CA THR A 1150 -15.95 32.48 1.08
C THR A 1150 -15.11 31.20 1.01
N MET A 1151 -15.56 30.14 1.69
CA MET A 1151 -14.86 28.88 1.59
C MET A 1151 -14.87 28.36 0.16
N LYS A 1152 -16.02 28.45 -0.51
CA LYS A 1152 -16.10 27.98 -1.88
C LYS A 1152 -15.18 28.76 -2.81
N VAL A 1153 -15.16 30.08 -2.68
CA VAL A 1153 -14.30 30.88 -3.56
C VAL A 1153 -12.84 30.60 -3.26
N PHE A 1154 -12.49 30.47 -1.99
CA PHE A 1154 -11.10 30.16 -1.62
C PHE A 1154 -10.67 28.82 -2.18
N THR A 1155 -11.54 27.81 -2.09
CA THR A 1155 -11.22 26.50 -2.65
C THR A 1155 -11.09 26.57 -4.17
N LYS A 1156 -11.99 27.29 -4.83
CA LYS A 1156 -11.90 27.40 -6.29
C LYS A 1156 -10.62 28.07 -6.72
N MET A 1157 -10.19 29.11 -5.99
CA MET A 1157 -8.95 29.80 -6.34
C MET A 1157 -7.76 28.86 -6.29
N CYS A 1158 -7.73 27.97 -5.29
CA CYS A 1158 -6.65 27.01 -5.16
C CYS A 1158 -6.79 25.82 -6.10
N ASP A 1159 -7.89 25.74 -6.87
CA ASP A 1159 -8.07 24.71 -7.89
C ASP A 1159 -8.32 23.33 -7.26
N ILE A 1160 -9.09 23.31 -6.17
CA ILE A 1160 -9.47 22.07 -5.51
C ILE A 1160 -10.98 21.89 -5.42
N GLY A 1161 -11.76 22.88 -5.86
CA GLY A 1161 -13.20 22.79 -5.70
C GLY A 1161 -13.83 21.69 -6.54
N ASP A 1162 -13.40 21.56 -7.79
CA ASP A 1162 -14.03 20.60 -8.69
C ASP A 1162 -13.77 19.18 -8.23
N ALA A 1163 -14.82 18.35 -8.23
CA ALA A 1163 -14.70 16.97 -7.79
C ALA A 1163 -14.05 16.08 -8.84
N SER A 1164 -14.26 16.35 -10.12
CA SER A 1164 -13.75 15.49 -11.17
C SER A 1164 -12.23 15.39 -11.13
N ARG A 1165 -11.56 16.45 -10.65
CA ARG A 1165 -10.10 16.45 -10.60
C ARG A 1165 -9.54 15.49 -9.55
N GLY A 1166 -10.40 14.92 -8.70
CA GLY A 1166 -9.97 14.02 -7.64
C GLY A 1166 -9.91 14.66 -6.28
N SER A 1167 -10.23 15.94 -6.15
CA SER A 1167 -10.26 16.62 -4.88
C SER A 1167 -11.64 16.53 -4.26
N LEU A 1168 -11.73 16.91 -2.99
CA LEU A 1168 -13.00 16.88 -2.28
C LEU A 1168 -13.98 17.85 -2.93
N SER A 1169 -15.22 17.41 -3.09
CA SER A 1169 -16.25 18.26 -3.69
C SER A 1169 -16.58 19.43 -2.76
N SER A 1170 -17.20 20.46 -3.35
CA SER A 1170 -17.59 21.62 -2.56
C SER A 1170 -18.50 21.22 -1.41
N TYR A 1171 -19.27 20.15 -1.57
CA TYR A 1171 -20.12 19.69 -0.48
C TYR A 1171 -19.29 19.32 0.74
N ALA A 1172 -18.12 18.70 0.52
CA ALA A 1172 -17.23 18.37 1.63
C ALA A 1172 -16.80 19.64 2.37
N TYR A 1173 -16.49 20.71 1.63
CA TYR A 1173 -16.02 21.93 2.26
C TYR A 1173 -17.13 22.63 3.04
N THR A 1174 -18.35 22.67 2.49
CA THR A 1174 -19.45 23.25 3.25
C THR A 1174 -19.75 22.41 4.49
N LEU A 1175 -19.63 21.08 4.38
CA LEU A 1175 -19.76 20.24 5.56
C LEU A 1175 -18.69 20.57 6.60
N MET A 1176 -17.46 20.80 6.13
CA MET A 1176 -16.38 21.15 7.04
C MET A 1176 -16.67 22.43 7.79
N VAL A 1177 -17.13 23.46 7.08
CA VAL A 1177 -17.40 24.74 7.75
C VAL A 1177 -18.58 24.60 8.69
N LEU A 1178 -19.60 23.84 8.31
CA LEU A 1178 -20.73 23.61 9.22
C LEU A 1178 -20.27 22.91 10.48
N TYR A 1179 -19.42 21.88 10.34
CA TYR A 1179 -18.91 21.17 11.50
C TYR A 1179 -18.11 22.10 12.39
N PHE A 1180 -17.28 22.95 11.80
CA PHE A 1180 -16.54 23.92 12.60
C PHE A 1180 -17.48 24.83 13.37
N LEU A 1181 -18.51 25.34 12.70
CA LEU A 1181 -19.45 26.23 13.37
C LEU A 1181 -20.14 25.53 14.53
N GLN A 1182 -20.55 24.28 14.33
CA GLN A 1182 -21.23 23.55 15.40
C GLN A 1182 -20.34 23.37 16.61
N GLN A 1183 -19.06 23.06 16.39
CA GLN A 1183 -18.11 22.78 17.48
C GLN A 1183 -17.23 24.00 17.70
N ARG A 1184 -17.72 24.92 18.55
CA ARG A 1184 -16.97 26.13 18.89
C ARG A 1184 -17.46 26.63 20.25
N ASN A 1185 -16.60 27.30 21.01
CA ASN A 1185 -16.95 27.75 22.36
C ASN A 1185 -18.35 28.37 22.34
N PRO A 1186 -18.58 29.44 21.58
CA PRO A 1186 -19.95 29.87 21.33
C PRO A 1186 -20.51 29.15 20.11
N PRO A 1187 -21.57 28.35 20.29
CA PRO A 1187 -22.09 27.56 19.18
C PRO A 1187 -22.91 28.41 18.23
N VAL A 1188 -22.33 28.70 17.06
CA VAL A 1188 -23.02 29.55 16.09
C VAL A 1188 -24.30 28.87 15.58
N ILE A 1189 -24.21 27.57 15.29
CA ILE A 1189 -25.34 26.81 14.77
C ILE A 1189 -25.48 25.53 15.57
N PRO A 1190 -26.70 25.03 15.80
CA PRO A 1190 -26.87 23.77 16.51
C PRO A 1190 -26.95 22.58 15.55
N VAL A 1191 -26.98 21.39 16.14
CA VAL A 1191 -27.10 20.15 15.38
C VAL A 1191 -28.58 19.89 15.18
N LEU A 1192 -29.07 20.17 13.97
CA LEU A 1192 -30.50 20.01 13.69
C LEU A 1192 -30.92 18.55 13.80
N GLN A 1193 -30.08 17.63 13.33
CA GLN A 1193 -30.45 16.21 13.36
C GLN A 1193 -30.65 15.72 14.79
N GLU A 1194 -29.76 16.13 15.70
CA GLU A 1194 -29.85 15.64 17.08
C GLU A 1194 -31.07 16.23 17.79
N ILE A 1195 -31.27 17.53 17.66
CA ILE A 1195 -32.40 18.19 18.31
C ILE A 1195 -33.64 18.08 17.43
N PRO A 1202 -38.88 10.97 15.74
CA PRO A 1202 -39.38 10.13 14.64
C PRO A 1202 -38.32 9.89 13.57
N GLU A 1203 -38.32 8.71 12.97
CA GLU A 1203 -37.35 8.33 11.96
C GLU A 1203 -38.06 8.02 10.66
N ILE A 1204 -37.63 8.67 9.58
CA ILE A 1204 -38.14 8.42 8.23
C ILE A 1204 -37.00 7.85 7.41
N PHE A 1205 -37.22 6.65 6.86
CA PHE A 1205 -36.18 5.93 6.14
C PHE A 1205 -36.47 5.98 4.65
N VAL A 1206 -35.62 6.69 3.90
CA VAL A 1206 -35.66 6.72 2.45
C VAL A 1206 -34.28 6.34 1.95
N ASP A 1207 -34.22 5.33 1.08
CA ASP A 1207 -33.00 4.76 0.52
C ASP A 1207 -32.27 3.91 1.56
N GLY A 1208 -32.70 3.92 2.82
CA GLY A 1208 -32.12 3.09 3.85
C GLY A 1208 -31.47 3.82 5.01
N TRP A 1209 -31.77 5.11 5.17
CA TRP A 1209 -31.16 5.90 6.23
C TRP A 1209 -32.16 6.93 6.73
N ASN A 1210 -31.95 7.38 7.97
CA ASN A 1210 -32.82 8.37 8.58
C ASN A 1210 -32.57 9.74 7.96
N ILE A 1211 -33.65 10.50 7.77
CA ILE A 1211 -33.57 11.81 7.10
C ILE A 1211 -34.25 12.87 7.96
N TYR A 1212 -34.29 12.66 9.27
CA TYR A 1212 -34.92 13.60 10.18
C TYR A 1212 -33.94 14.70 10.57
N PHE A 1213 -34.43 15.94 10.59
CA PHE A 1213 -33.63 17.07 11.04
C PHE A 1213 -34.57 18.23 11.33
N PHE A 1214 -34.37 18.88 12.47
CA PHE A 1214 -35.21 20.00 12.86
C PHE A 1214 -35.19 21.07 11.77
N ASP A 1215 -36.36 21.38 11.22
CA ASP A 1215 -36.48 22.28 10.08
C ASP A 1215 -37.28 23.53 10.36
N GLN A 1216 -37.85 23.67 11.56
CA GLN A 1216 -38.63 24.87 11.91
C GLN A 1216 -37.71 25.89 12.55
N ILE A 1217 -37.10 26.71 11.70
CA ILE A 1217 -36.14 27.71 12.17
C ILE A 1217 -36.85 28.83 12.93
N ASP A 1218 -38.12 29.09 12.61
CA ASP A 1218 -38.81 30.25 13.17
C ASP A 1218 -38.77 30.24 14.69
N GLU A 1219 -38.97 29.06 15.30
CA GLU A 1219 -38.95 28.93 16.75
C GLU A 1219 -37.66 28.27 17.25
N LEU A 1220 -36.61 28.29 16.44
CA LEU A 1220 -35.35 27.66 16.86
C LEU A 1220 -34.85 28.18 18.19
N PRO A 1221 -34.87 29.49 18.48
CA PRO A 1221 -34.34 29.95 19.77
C PRO A 1221 -35.03 29.33 20.97
N THR A 1222 -36.32 29.04 20.86
CA THR A 1222 -37.06 28.50 22.01
C THR A 1222 -36.49 27.16 22.45
N TYR A 1223 -36.23 26.27 21.49
CA TYR A 1223 -35.73 24.94 21.80
C TYR A 1223 -34.23 24.88 21.92
N TRP A 1224 -33.51 25.94 21.56
CA TRP A 1224 -32.07 26.00 21.66
C TRP A 1224 -31.69 26.95 22.79
N SER A 1225 -31.01 26.42 23.80
CA SER A 1225 -30.65 27.23 24.96
C SER A 1225 -29.39 28.06 24.76
N GLU A 1226 -28.56 27.73 23.76
CA GLU A 1226 -27.33 28.47 23.50
C GLU A 1226 -27.49 29.48 22.38
N CYS A 1227 -28.70 29.68 21.87
CA CYS A 1227 -28.89 30.63 20.78
C CYS A 1227 -28.51 32.03 21.25
N GLY A 1228 -27.81 32.75 20.38
CA GLY A 1228 -27.39 34.10 20.66
C GLY A 1228 -26.10 34.23 21.44
N LYS A 1229 -25.51 33.11 21.88
CA LYS A 1229 -24.24 33.19 22.59
C LYS A 1229 -23.14 33.73 21.69
N ASN A 1230 -23.10 33.30 20.44
CA ASN A 1230 -22.07 33.76 19.51
C ASN A 1230 -22.29 35.22 19.14
N THR A 1231 -21.22 36.00 19.15
CA THR A 1231 -21.27 37.38 18.68
C THR A 1231 -20.03 37.76 17.90
N GLU A 1232 -19.19 36.80 17.50
CA GLU A 1232 -17.99 37.11 16.75
C GLU A 1232 -18.34 37.63 15.36
N SER A 1233 -17.45 38.45 14.80
CA SER A 1233 -17.65 39.00 13.49
C SER A 1233 -17.43 37.94 12.41
N VAL A 1234 -17.96 38.21 11.22
CA VAL A 1234 -17.85 37.25 10.13
C VAL A 1234 -16.40 37.02 9.76
N GLY A 1235 -15.61 38.10 9.65
CA GLY A 1235 -14.20 37.94 9.35
C GLY A 1235 -13.46 37.23 10.47
N GLN A 1236 -13.73 37.60 11.71
CA GLN A 1236 -13.14 36.91 12.85
C GLN A 1236 -13.54 35.44 12.84
N LEU A 1237 -14.81 35.16 12.52
CA LEU A 1237 -15.29 33.79 12.54
C LEU A 1237 -14.61 32.97 11.44
N TRP A 1238 -14.42 33.56 10.26
CA TRP A 1238 -13.73 32.86 9.18
C TRP A 1238 -12.26 32.61 9.51
N LEU A 1239 -11.60 33.60 10.10
CA LEU A 1239 -10.21 33.39 10.52
C LEU A 1239 -10.13 32.31 11.58
N GLY A 1240 -11.10 32.26 12.49
CA GLY A 1240 -11.15 31.18 13.46
C GLY A 1240 -11.34 29.83 12.79
N LEU A 1241 -12.17 29.77 11.75
CA LEU A 1241 -12.34 28.54 10.99
C LEU A 1241 -11.01 28.08 10.40
N LEU A 1242 -10.30 29.00 9.76
CA LEU A 1242 -9.01 28.65 9.15
C LEU A 1242 -8.01 28.18 10.21
N ARG A 1243 -7.96 28.87 11.34
CA ARG A 1243 -7.07 28.45 12.42
C ARG A 1243 -7.46 27.07 12.93
N PHE A 1244 -8.75 26.82 13.11
CA PHE A 1244 -9.22 25.56 13.64
C PHE A 1244 -8.82 24.41 12.72
N TYR A 1245 -8.97 24.60 11.41
CA TYR A 1245 -8.65 23.51 10.50
C TYR A 1245 -7.15 23.35 10.29
N THR A 1246 -6.39 24.46 10.32
CA THR A 1246 -4.94 24.34 10.20
C THR A 1246 -4.34 23.70 11.44
N GLU A 1247 -4.76 24.16 12.63
CA GLU A 1247 -4.34 23.57 13.89
C GLU A 1247 -5.53 23.54 14.83
N GLU A 1248 -5.42 22.71 15.87
CA GLU A 1248 -6.47 22.45 16.84
C GLU A 1248 -7.48 21.43 16.31
N PHE A 1249 -7.19 20.79 15.18
CA PHE A 1249 -8.06 19.74 14.65
C PHE A 1249 -7.21 18.56 14.19
N ASP A 1250 -7.83 17.38 14.21
CA ASP A 1250 -7.19 16.15 13.77
C ASP A 1250 -8.09 15.45 12.77
N PHE A 1251 -7.56 15.15 11.59
CA PHE A 1251 -8.31 14.42 10.57
C PHE A 1251 -8.12 12.91 10.68
N LYS A 1252 -6.94 12.47 11.12
CA LYS A 1252 -6.66 11.05 11.20
C LYS A 1252 -7.52 10.36 12.25
N GLU A 1253 -7.73 11.00 13.40
CA GLU A 1253 -8.39 10.37 14.53
C GLU A 1253 -9.82 10.83 14.73
N HIS A 1254 -10.32 11.75 13.91
CA HIS A 1254 -11.67 12.25 14.05
C HIS A 1254 -12.34 12.31 12.69
N VAL A 1255 -13.67 12.21 12.68
CA VAL A 1255 -14.48 12.28 11.47
C VAL A 1255 -15.25 13.60 11.50
N ILE A 1256 -15.27 14.28 10.36
CA ILE A 1256 -15.95 15.57 10.24
C ILE A 1256 -17.41 15.24 9.91
N SER A 1257 -18.20 15.00 10.95
CA SER A 1257 -19.60 14.64 10.82
C SER A 1257 -20.45 15.67 11.54
N ILE A 1258 -21.45 16.21 10.83
CA ILE A 1258 -22.37 17.17 11.43
C ILE A 1258 -23.59 16.52 12.06
N ARG A 1259 -23.76 15.21 11.88
CA ARG A 1259 -24.91 14.52 12.45
C ARG A 1259 -24.89 14.56 13.97
N ARG A 1260 -23.72 14.35 14.58
CA ARG A 1260 -23.59 14.25 16.02
C ARG A 1260 -22.90 15.49 16.57
N LYS A 1261 -23.49 16.09 17.61
CA LYS A 1261 -22.79 17.15 18.33
C LYS A 1261 -21.56 16.60 19.03
N SER A 1262 -21.68 15.41 19.62
CA SER A 1262 -20.56 14.80 20.30
C SER A 1262 -19.48 14.39 19.29
N LEU A 1263 -18.24 14.36 19.77
CA LEU A 1263 -17.11 14.03 18.91
C LEU A 1263 -17.22 12.59 18.41
N LEU A 1264 -16.90 12.39 17.14
CA LEU A 1264 -16.89 11.07 16.52
C LEU A 1264 -15.46 10.66 16.20
N THR A 1265 -15.19 9.37 16.31
CA THR A 1265 -13.87 8.81 16.08
C THR A 1265 -13.85 7.98 14.80
N THR A 1266 -12.73 8.05 14.08
CA THR A 1266 -12.62 7.31 12.83
C THR A 1266 -12.69 5.81 13.06
N PHE A 1267 -12.15 5.32 14.19
CA PHE A 1267 -12.11 3.88 14.42
C PHE A 1267 -13.51 3.29 14.49
N LYS A 1268 -14.44 3.97 15.17
CA LYS A 1268 -15.78 3.42 15.32
C LYS A 1268 -16.44 3.19 13.97
N LYS A 1269 -16.07 3.98 12.97
CA LYS A 1269 -16.56 3.80 11.60
C LYS A 1269 -15.72 2.82 10.80
N GLN A 1270 -14.63 2.31 11.39
CA GLN A 1270 -13.72 1.41 10.67
C GLN A 1270 -13.22 2.06 9.39
N TRP A 1271 -12.87 3.34 9.48
CA TRP A 1271 -12.38 4.12 8.35
C TRP A 1271 -10.92 4.50 8.59
N THR A 1272 -10.10 4.34 7.56
CA THR A 1272 -8.68 4.67 7.65
C THR A 1272 -8.14 5.04 6.27
N ILE A 1276 -7.99 12.98 4.75
CA ILE A 1276 -9.22 13.63 5.20
C ILE A 1276 -10.38 12.67 5.05
N VAL A 1277 -11.18 12.56 6.10
CA VAL A 1277 -12.37 11.71 6.12
C VAL A 1277 -13.55 12.55 6.58
N ILE A 1278 -14.62 12.54 5.79
CA ILE A 1278 -15.82 13.31 6.08
C ILE A 1278 -17.03 12.40 5.90
N GLU A 1279 -17.98 12.49 6.82
CA GLU A 1279 -19.17 11.66 6.83
C GLU A 1279 -20.39 12.51 6.47
N ASP A 1280 -21.29 11.93 5.68
CA ASP A 1280 -22.49 12.64 5.27
C ASP A 1280 -23.40 12.85 6.48
N PRO A 1281 -24.27 13.87 6.43
CA PRO A 1281 -25.21 14.06 7.54
C PRO A 1281 -26.14 12.89 7.75
N PHE A 1282 -26.54 12.20 6.68
CA PHE A 1282 -27.49 11.10 6.76
C PHE A 1282 -26.81 9.75 6.59
N ASP A 1283 -26.11 9.54 5.49
CA ASP A 1283 -25.45 8.26 5.25
C ASP A 1283 -24.14 8.19 6.02
N LEU A 1284 -23.94 7.09 6.74
CA LEU A 1284 -22.72 6.88 7.51
C LEU A 1284 -21.74 5.92 6.84
N ASN A 1285 -22.15 5.27 5.75
CA ASN A 1285 -21.30 4.32 5.04
C ASN A 1285 -20.61 4.93 3.82
N HIS A 1286 -20.84 6.22 3.55
CA HIS A 1286 -20.24 6.90 2.41
C HIS A 1286 -19.29 7.97 2.90
N ASN A 1287 -18.04 7.90 2.44
CA ASN A 1287 -17.00 8.84 2.84
C ASN A 1287 -16.57 9.65 1.63
N LEU A 1288 -16.61 10.97 1.76
CA LEU A 1288 -16.25 11.84 0.65
C LEU A 1288 -14.74 11.85 0.42
N GLY A 1289 -13.96 11.65 1.46
CA GLY A 1289 -12.52 11.60 1.36
C GLY A 1289 -11.95 10.23 1.02
N ALA A 1290 -12.80 9.23 0.79
CA ALA A 1290 -12.30 7.90 0.49
C ALA A 1290 -11.51 7.89 -0.81
N GLY A 1291 -12.01 8.54 -1.85
CA GLY A 1291 -11.33 8.62 -3.13
C GLY A 1291 -10.26 9.67 -3.21
N LEU A 1292 -10.04 10.43 -2.14
CA LEU A 1292 -9.05 11.49 -2.13
C LEU A 1292 -7.66 10.89 -1.97
N SER A 1293 -6.77 11.16 -2.92
CA SER A 1293 -5.42 10.62 -2.88
C SER A 1293 -4.56 11.41 -1.91
N ARG A 1294 -3.41 10.82 -1.56
CA ARG A 1294 -2.52 11.44 -0.58
C ARG A 1294 -1.96 12.76 -1.09
N LYS A 1295 -1.54 12.79 -2.35
CA LYS A 1295 -0.94 14.01 -2.89
C LYS A 1295 -1.93 15.17 -2.86
N MET A 1296 -3.17 14.91 -3.26
CA MET A 1296 -4.18 15.97 -3.23
C MET A 1296 -4.49 16.39 -1.80
N THR A 1297 -4.47 15.46 -0.85
CA THR A 1297 -4.66 15.83 0.55
C THR A 1297 -3.56 16.76 1.03
N ASN A 1298 -2.31 16.43 0.69
CA ASN A 1298 -1.20 17.30 1.07
C ASN A 1298 -1.35 18.67 0.44
N PHE A 1299 -1.74 18.72 -0.83
CA PHE A 1299 -1.91 20.01 -1.50
C PHE A 1299 -3.03 20.82 -0.86
N ILE A 1300 -4.13 20.15 -0.47
CA ILE A 1300 -5.24 20.84 0.16
C ILE A 1300 -4.82 21.42 1.51
N MET A 1301 -4.08 20.62 2.29
CA MET A 1301 -3.58 21.14 3.58
C MET A 1301 -2.63 22.31 3.36
N LYS A 1302 -1.79 22.25 2.33
CA LYS A 1302 -0.91 23.36 2.02
C LYS A 1302 -1.70 24.60 1.64
N ALA A 1303 -2.77 24.43 0.87
CA ALA A 1303 -3.62 25.55 0.51
C ALA A 1303 -4.27 26.16 1.75
N PHE A 1304 -4.73 25.32 2.68
CA PHE A 1304 -5.30 25.83 3.92
C PHE A 1304 -4.27 26.60 4.73
N ILE A 1305 -3.03 26.09 4.79
CA ILE A 1305 -1.98 26.79 5.52
C ILE A 1305 -1.70 28.14 4.87
N ASN A 1306 -1.63 28.18 3.53
CA ASN A 1306 -1.40 29.44 2.85
C ASN A 1306 -2.53 30.43 3.09
N GLY A 1307 -3.77 29.94 3.08
CA GLY A 1307 -4.90 30.82 3.38
C GLY A 1307 -4.83 31.37 4.78
N ARG A 1308 -4.45 30.54 5.75
CA ARG A 1308 -4.24 31.02 7.11
C ARG A 1308 -3.13 32.06 7.15
N ARG A 1309 -2.09 31.90 6.32
CA ARG A 1309 -1.01 32.86 6.29
C ARG A 1309 -1.46 34.20 5.73
N VAL A 1310 -2.21 34.17 4.63
CA VAL A 1310 -2.65 35.42 4.01
C VAL A 1310 -3.71 36.11 4.87
N PHE A 1311 -4.66 35.34 5.39
CA PHE A 1311 -5.64 35.89 6.32
C PHE A 1311 -5.03 36.06 7.69
N GLY A 1312 -5.55 37.02 8.44
CA GLY A 1312 -5.08 37.27 9.79
C GLY A 1312 -3.75 37.99 9.87
N ILE A 1313 -3.23 38.50 8.76
CA ILE A 1313 -1.98 39.24 8.75
C ILE A 1313 -2.29 40.69 8.40
N PRO A 1314 -2.32 41.60 9.38
CA PRO A 1314 -2.55 43.01 9.05
C PRO A 1314 -1.45 43.56 8.15
N VAL A 1315 -1.85 44.48 7.27
CA VAL A 1315 -0.90 45.10 6.35
C VAL A 1315 -1.29 46.55 6.10
N TYR A 1322 -1.75 45.68 -1.98
CA TYR A 1322 -2.25 45.15 -3.25
C TYR A 1322 -3.15 46.17 -3.93
N PRO A 1323 -3.28 46.08 -5.26
CA PRO A 1323 -4.18 47.01 -5.95
C PRO A 1323 -5.61 46.95 -5.45
N SER A 1324 -6.09 45.75 -5.11
CA SER A 1324 -7.45 45.56 -4.62
C SER A 1324 -7.41 44.81 -3.30
N LYS A 1325 -8.26 45.23 -2.36
CA LYS A 1325 -8.31 44.55 -1.07
C LYS A 1325 -8.77 43.10 -1.23
N MET A 1326 -9.77 42.87 -2.10
CA MET A 1326 -10.29 41.52 -2.28
C MET A 1326 -9.23 40.60 -2.89
N GLU A 1327 -8.47 41.10 -3.87
CA GLU A 1327 -7.53 40.23 -4.58
C GLU A 1327 -6.46 39.69 -3.66
N TYR A 1328 -5.97 40.53 -2.73
CA TYR A 1328 -4.89 40.09 -1.85
C TYR A 1328 -5.29 38.85 -1.05
N PHE A 1329 -6.51 38.83 -0.54
CA PHE A 1329 -6.96 37.69 0.23
C PHE A 1329 -7.22 36.47 -0.64
N PHE A 1330 -7.49 36.67 -1.93
CA PHE A 1330 -7.75 35.59 -2.89
C PHE A 1330 -6.73 35.73 -4.01
N ASP A 1331 -5.55 35.12 -3.83
CA ASP A 1331 -4.50 35.16 -4.83
C ASP A 1331 -3.86 33.78 -4.96
N PRO A 1332 -3.96 33.13 -6.12
CA PRO A 1332 -3.40 31.76 -6.23
C PRO A 1332 -1.91 31.69 -5.95
N ASP A 1333 -1.15 32.73 -6.29
CA ASP A 1333 0.30 32.68 -6.14
C ASP A 1333 0.70 32.52 -4.68
N VAL A 1334 0.07 33.28 -3.79
CA VAL A 1334 0.40 33.21 -2.37
C VAL A 1334 0.00 31.86 -1.80
N GLY C 136 55.55 -0.69 -32.32
CA GLY C 136 56.16 -1.35 -31.19
C GLY C 136 55.99 -2.85 -31.22
N ASP C 137 54.81 -3.30 -31.62
CA ASP C 137 54.51 -4.72 -31.74
C ASP C 137 53.55 -4.93 -32.91
N ARG C 138 53.55 -6.15 -33.44
CA ARG C 138 52.68 -6.47 -34.56
C ARG C 138 51.22 -6.49 -34.12
N CYS C 139 50.34 -6.19 -35.07
CA CYS C 139 48.92 -6.20 -34.78
C CYS C 139 48.47 -7.60 -34.37
N TYR C 140 47.53 -7.65 -33.41
CA TYR C 140 46.99 -8.95 -33.01
C TYR C 140 46.26 -9.62 -34.15
N ASN C 141 45.75 -8.84 -35.11
CA ASN C 141 45.10 -9.36 -36.31
C ASN C 141 45.85 -8.87 -37.54
N CYS C 142 46.09 -9.78 -38.48
CA CYS C 142 46.82 -9.58 -39.73
C CYS C 142 48.33 -9.62 -39.52
N GLY C 143 48.83 -9.66 -38.29
CA GLY C 143 50.26 -9.72 -38.06
C GLY C 143 51.02 -8.57 -38.69
N GLY C 144 50.36 -7.44 -38.94
CA GLY C 144 51.03 -6.30 -39.53
C GLY C 144 51.77 -5.47 -38.51
N LEU C 145 52.52 -4.50 -39.01
CA LEU C 145 53.27 -3.58 -38.17
C LEU C 145 52.86 -2.13 -38.33
N ASP C 146 52.04 -1.81 -39.34
CA ASP C 146 51.68 -0.41 -39.59
C ASP C 146 50.83 0.17 -38.45
N HIS C 147 49.90 -0.62 -37.92
CA HIS C 147 49.03 -0.17 -36.84
C HIS C 147 49.27 -0.99 -35.58
N HIS C 148 48.88 -0.40 -34.45
CA HIS C 148 49.01 -1.04 -33.14
C HIS C 148 47.87 -2.03 -32.93
N ALA C 149 47.91 -2.72 -31.79
CA ALA C 149 46.91 -3.74 -31.50
C ALA C 149 45.50 -3.14 -31.54
N LYS C 150 45.29 -2.07 -30.78
CA LYS C 150 43.98 -1.44 -30.77
C LYS C 150 43.68 -0.73 -32.09
N GLU C 151 44.71 -0.12 -32.70
CA GLU C 151 44.50 0.64 -33.93
C GLU C 151 44.03 -0.27 -35.06
N CYS C 152 44.60 -1.47 -35.16
CA CYS C 152 44.17 -2.41 -36.19
C CYS C 152 42.72 -2.80 -35.99
N LYS C 153 41.94 -2.76 -37.08
CA LYS C 153 40.52 -3.10 -37.01
C LYS C 153 40.06 -3.93 -38.20
N LEU C 154 40.96 -4.37 -39.07
CA LEU C 154 40.57 -5.15 -40.23
C LEU C 154 40.11 -6.54 -39.79
N PRO C 155 39.37 -7.25 -40.65
CA PRO C 155 38.87 -8.58 -40.28
C PRO C 155 39.99 -9.47 -39.76
N PRO C 156 39.68 -10.47 -38.95
CA PRO C 156 40.72 -11.29 -38.33
C PRO C 156 41.49 -12.12 -39.35
N GLN C 157 42.73 -12.42 -39.00
CA GLN C 157 43.65 -13.20 -39.82
C GLN C 157 44.31 -14.25 -38.94
N PRO C 158 44.91 -15.28 -39.55
CA PRO C 158 45.49 -16.36 -38.74
C PRO C 158 46.51 -15.84 -37.73
N LYS C 159 46.45 -16.38 -36.52
CA LYS C 159 47.41 -15.99 -35.49
C LYS C 159 48.76 -16.62 -35.77
N LYS C 160 49.81 -15.82 -35.70
CA LYS C 160 51.17 -16.30 -35.91
C LYS C 160 52.12 -15.13 -35.70
N CYS C 161 53.42 -15.43 -35.73
CA CYS C 161 54.47 -14.44 -35.67
C CYS C 161 55.42 -14.66 -36.83
N HIS C 162 55.94 -13.57 -37.39
CA HIS C 162 56.82 -13.69 -38.55
C HIS C 162 57.99 -14.61 -38.27
N PHE C 163 58.47 -14.65 -37.03
CA PHE C 163 59.57 -15.54 -36.68
C PHE C 163 59.17 -17.00 -36.86
N CYS C 164 57.96 -17.37 -36.43
CA CYS C 164 57.52 -18.75 -36.57
C CYS C 164 57.40 -19.14 -38.04
N GLN C 165 56.89 -18.24 -38.87
CA GLN C 165 56.73 -18.41 -40.31
C GLN C 165 55.61 -19.39 -40.66
N SER C 166 54.95 -19.99 -39.67
CA SER C 166 53.86 -20.93 -39.93
C SER C 166 52.82 -20.78 -38.84
N ILE C 167 51.57 -21.12 -39.18
CA ILE C 167 50.48 -20.97 -38.23
C ILE C 167 50.59 -22.01 -37.11
N SER C 168 50.89 -23.26 -37.47
CA SER C 168 50.92 -24.32 -36.47
C SER C 168 52.02 -24.10 -35.44
N HIS C 169 53.21 -23.71 -35.89
CA HIS C 169 54.35 -23.58 -34.99
C HIS C 169 54.14 -22.40 -34.04
N MET C 170 54.66 -22.56 -32.82
CA MET C 170 54.57 -21.54 -31.78
C MET C 170 55.97 -21.18 -31.30
N VAL C 171 56.13 -19.92 -30.89
CA VAL C 171 57.48 -19.38 -30.66
C VAL C 171 58.18 -20.13 -29.53
N ALA C 172 57.47 -20.38 -28.43
CA ALA C 172 58.11 -20.98 -27.27
C ALA C 172 58.63 -22.38 -27.53
N SER C 173 58.19 -23.03 -28.60
CA SER C 173 58.69 -24.36 -28.98
C SER C 173 58.92 -24.36 -30.48
N CYS C 174 60.18 -24.17 -30.90
CA CYS C 174 60.55 -24.16 -32.30
C CYS C 174 61.70 -25.13 -32.54
N PRO C 175 61.84 -25.64 -33.76
CA PRO C 175 62.94 -26.59 -34.03
C PRO C 175 64.31 -26.01 -33.74
N LEU C 176 64.54 -24.73 -34.03
CA LEU C 176 65.87 -24.15 -33.86
C LEU C 176 66.28 -24.01 -32.40
N LYS C 177 65.34 -24.16 -31.47
CA LYS C 177 65.66 -24.05 -30.04
C LYS C 177 65.66 -25.42 -29.39
ZN ZN D . 7.91 9.96 2.11
ZN ZN E . 47.21 -5.47 -38.26
#